data_1HX6
#
_entry.id   1HX6
#
_cell.length_a   117.960
_cell.length_b   121.300
_cell.length_c   126.390
_cell.angle_alpha   90.00
_cell.angle_beta   90.00
_cell.angle_gamma   90.00
#
_symmetry.space_group_name_H-M   'P 21 21 21'
#
loop_
_entity.id
_entity.type
_entity.pdbx_description
1 polymer 'MAJOR CAPSID PROTEIN'
2 non-polymer 'CHLORIDE ION'
3 non-polymer 'SODIUM ION'
4 non-polymer (4S)-2-METHYL-2,4-PENTANEDIOL
5 water water
#
_entity_poly.entity_id   1
_entity_poly.type   'polypeptide(L)'
_entity_poly.pdbx_seq_one_letter_code
;AQVQQLTPAQQAALRNQQAMAANLQARQIVLQQSYPVIQQVETQTFDPANRSVFDVTPANVGIVKGFLVKVTAAITNNHA
TEAVALTDFGPANLVQRVIYYDPDNQRHTETSGWHLHFVNTAKQGAPFLSSMVTDSPIKYGDVMNVIDAPATIAAGATGE
LTMYYWVPLAYSETDLTGAVLANVPQSKQRLKLEFANNNTAFAAVGANPLEAIYQGAGAADCEFEEISYTVYQSYLDQLP
VGQNGYILPLIDLSTLYNLENSAQAGLTPNVDFVVQYANLYRYLSTIAVFDNGGSFNAGTDINYLSQRTANFSDTRKLDP
KTWAAQTRRRIATDFPKGVYYCDNRDKPIYTLQYGNVGFVVNPKTVNQNARLLMGYEYFTSRTELVNAGTISTT
;
_entity_poly.pdbx_strand_id   A,B,C
#
# COMPACT_ATOMS: atom_id res chain seq x y z
N LEU A 14 -40.25 8.75 -9.44
CA LEU A 14 -39.13 8.71 -10.41
C LEU A 14 -38.02 9.70 -10.02
N ARG A 15 -37.64 10.56 -10.97
CA ARG A 15 -36.61 11.56 -10.74
C ARG A 15 -35.40 10.97 -10.02
N ASN A 16 -34.64 11.82 -9.33
CA ASN A 16 -33.47 11.39 -8.59
C ASN A 16 -32.39 10.82 -9.47
N GLN A 17 -32.74 9.81 -10.28
CA GLN A 17 -31.78 9.20 -11.19
C GLN A 17 -31.09 10.34 -11.92
N GLN A 18 -31.88 11.33 -12.31
CA GLN A 18 -31.38 12.49 -13.03
C GLN A 18 -30.76 13.51 -12.09
N ALA A 19 -31.29 13.60 -10.87
CA ALA A 19 -30.76 14.53 -9.87
C ALA A 19 -29.33 14.11 -9.53
N MET A 20 -29.15 12.82 -9.29
CA MET A 20 -27.83 12.27 -8.96
C MET A 20 -26.92 12.34 -10.17
N ALA A 21 -27.47 12.03 -11.34
CA ALA A 21 -26.70 12.06 -12.58
C ALA A 21 -26.18 13.47 -12.83
N ALA A 22 -27.01 14.46 -12.53
CA ALA A 22 -26.65 15.86 -12.71
C ALA A 22 -25.61 16.26 -11.67
N ASN A 23 -25.81 15.81 -10.43
CA ASN A 23 -24.89 16.10 -9.34
C ASN A 23 -23.49 15.61 -9.69
N LEU A 24 -23.40 14.34 -10.10
N LEU A 24 -23.40 14.34 -10.11
CA LEU A 24 -22.19 13.86 -10.48
CA LEU A 24 -22.14 13.76 -10.49
C LEU A 24 -21.46 14.45 -11.65
C LEU A 24 -21.44 14.54 -11.59
N GLN A 25 -22.28 14.94 -12.58
N GLN A 25 -22.21 14.89 -12.64
CA GLN A 25 -21.74 15.65 -13.74
CA GLN A 25 -21.65 15.63 -13.76
C GLN A 25 -21.14 16.98 -13.30
C GLN A 25 -21.12 17.00 -13.30
N ALA A 26 -21.88 17.68 -12.45
CA ALA A 26 -21.45 18.98 -11.95
C ALA A 26 -20.18 18.82 -11.10
N ARG A 27 -20.12 17.77 -10.31
CA ARG A 27 -18.95 17.50 -9.48
C ARG A 27 -17.73 17.38 -10.39
N GLN A 28 -17.89 16.58 -11.44
CA GLN A 28 -16.82 16.35 -12.40
C GLN A 28 -16.36 17.65 -13.06
N ILE A 29 -17.30 18.51 -13.44
CA ILE A 29 -16.94 19.77 -14.08
C ILE A 29 -16.16 20.63 -13.09
N VAL A 30 -16.63 20.68 -11.85
CA VAL A 30 -15.96 21.47 -10.83
C VAL A 30 -14.53 20.98 -10.62
N LEU A 31 -14.36 19.67 -10.46
CA LEU A 31 -13.02 19.13 -10.25
C LEU A 31 -12.09 19.39 -11.43
N GLN A 32 -12.65 19.29 -12.63
CA GLN A 32 -11.89 19.51 -13.85
C GLN A 32 -11.52 20.98 -14.11
N GLN A 33 -12.45 21.88 -13.83
CA GLN A 33 -12.24 23.30 -14.10
C GLN A 33 -11.65 24.17 -12.99
N SER A 34 -11.95 23.86 -11.74
CA SER A 34 -11.43 24.67 -10.64
C SER A 34 -9.98 24.31 -10.38
N TYR A 35 -9.32 25.06 -9.52
CA TYR A 35 -7.94 24.75 -9.16
C TYR A 35 -7.83 24.65 -7.65
N PRO A 36 -7.26 23.54 -7.15
CA PRO A 36 -7.10 23.33 -5.71
C PRO A 36 -6.03 24.22 -5.08
N VAL A 37 -6.33 24.73 -3.89
CA VAL A 37 -5.42 25.59 -3.16
C VAL A 37 -5.36 25.15 -1.71
N ILE A 38 -4.17 25.17 -1.12
CA ILE A 38 -4.03 24.86 0.29
C ILE A 38 -3.33 26.13 0.79
N GLN A 39 -3.95 26.79 1.74
CA GLN A 39 -3.45 28.07 2.22
C GLN A 39 -3.48 28.22 3.72
N GLN A 40 -2.42 28.80 4.28
CA GLN A 40 -2.38 29.00 5.72
C GLN A 40 -3.42 30.06 6.06
N VAL A 41 -4.22 29.82 7.09
CA VAL A 41 -5.20 30.82 7.48
C VAL A 41 -4.92 31.35 8.88
N GLU A 42 -4.18 30.59 9.67
CA GLU A 42 -3.88 31.04 11.02
C GLU A 42 -2.82 30.24 11.75
N THR A 43 -2.00 30.95 12.52
N THR A 43 -2.00 30.95 12.52
CA THR A 43 -0.94 30.33 13.32
CA THR A 43 -0.94 30.32 13.31
C THR A 43 -0.95 31.02 14.67
C THR A 43 -0.91 31.02 14.67
N GLN A 44 -0.66 30.26 15.73
CA GLN A 44 -0.61 30.85 17.06
C GLN A 44 0.17 29.99 18.02
N THR A 45 0.87 30.66 18.93
CA THR A 45 1.66 29.97 19.94
C THR A 45 1.10 30.45 21.27
N PHE A 46 0.98 29.54 22.23
CA PHE A 46 0.41 29.91 23.51
C PHE A 46 0.85 28.97 24.61
N ASP A 47 0.48 29.28 25.84
CA ASP A 47 0.80 28.47 27.00
C ASP A 47 -0.54 27.96 27.51
N PRO A 48 -0.77 26.64 27.47
CA PRO A 48 -2.05 26.11 27.94
C PRO A 48 -2.41 26.44 29.39
N ALA A 49 -1.47 26.99 30.14
CA ALA A 49 -1.78 27.37 31.52
C ALA A 49 -2.74 28.56 31.46
N ASN A 50 -2.65 29.33 30.39
CA ASN A 50 -3.48 30.52 30.18
C ASN A 50 -4.72 30.31 29.34
N ARG A 51 -4.58 29.51 28.28
N ARG A 51 -4.60 29.51 28.29
CA ARG A 51 -5.68 29.28 27.36
CA ARG A 51 -5.72 29.25 27.39
C ARG A 51 -5.48 27.99 26.58
C ARG A 51 -5.48 27.98 26.61
N SER A 52 -6.57 27.30 26.24
CA SER A 52 -6.44 26.07 25.47
C SER A 52 -7.57 25.86 24.47
N VAL A 53 -8.50 26.82 24.41
CA VAL A 53 -9.63 26.74 23.46
C VAL A 53 -9.52 27.89 22.48
N PHE A 54 -9.54 27.58 21.19
CA PHE A 54 -9.44 28.61 20.16
C PHE A 54 -10.50 28.45 19.09
N ASP A 55 -11.00 29.56 18.59
CA ASP A 55 -12.00 29.52 17.54
C ASP A 55 -11.32 30.14 16.32
N VAL A 56 -11.00 29.31 15.34
CA VAL A 56 -10.32 29.74 14.12
C VAL A 56 -11.34 30.14 13.06
N THR A 57 -11.10 31.27 12.40
CA THR A 57 -12.00 31.76 11.39
C THR A 57 -11.43 31.52 10.00
N PRO A 58 -11.95 30.51 9.29
CA PRO A 58 -11.42 30.26 7.95
C PRO A 58 -11.88 31.31 6.95
N ALA A 59 -11.25 31.32 5.79
CA ALA A 59 -11.60 32.27 4.75
C ALA A 59 -12.82 31.77 3.99
N ASN A 60 -13.72 32.68 3.62
CA ASN A 60 -14.89 32.28 2.86
C ASN A 60 -14.55 32.40 1.39
N VAL A 61 -13.99 31.35 0.82
CA VAL A 61 -13.62 31.35 -0.59
C VAL A 61 -13.89 30.01 -1.25
N GLY A 62 -14.54 30.07 -2.42
CA GLY A 62 -14.85 28.86 -3.18
C GLY A 62 -15.50 27.71 -2.42
N ILE A 63 -15.14 26.49 -2.80
CA ILE A 63 -15.68 25.31 -2.15
C ILE A 63 -14.61 24.79 -1.20
N VAL A 64 -14.93 24.77 0.09
CA VAL A 64 -13.97 24.33 1.11
C VAL A 64 -14.04 22.81 1.30
N LYS A 65 -12.88 22.18 1.24
CA LYS A 65 -12.78 20.72 1.34
C LYS A 65 -12.36 20.23 2.72
N GLY A 66 -11.54 21.02 3.42
CA GLY A 66 -11.10 20.58 4.74
C GLY A 66 -10.00 21.44 5.29
N PHE A 67 -9.50 21.06 6.47
CA PHE A 67 -8.44 21.82 7.12
C PHE A 67 -7.35 20.90 7.62
N LEU A 68 -6.10 21.25 7.35
CA LEU A 68 -4.99 20.47 7.84
C LEU A 68 -4.48 21.26 9.04
N VAL A 69 -4.51 20.64 10.20
CA VAL A 69 -4.08 21.30 11.42
C VAL A 69 -2.77 20.74 11.92
N LYS A 70 -1.74 21.59 11.93
CA LYS A 70 -0.40 21.22 12.41
C LYS A 70 -0.28 21.70 13.85
N VAL A 71 0.15 20.81 14.75
CA VAL A 71 0.30 21.16 16.15
C VAL A 71 1.68 20.75 16.62
N THR A 72 2.42 21.68 17.24
CA THR A 72 3.74 21.37 17.77
C THR A 72 3.70 21.72 19.24
N ALA A 73 4.46 21.01 20.05
CA ALA A 73 4.47 21.29 21.47
C ALA A 73 5.78 20.88 22.10
N ALA A 74 6.14 21.57 23.17
CA ALA A 74 7.33 21.23 23.94
C ALA A 74 6.79 20.91 25.33
N ILE A 75 7.15 19.74 25.83
CA ILE A 75 6.72 19.27 27.13
C ILE A 75 7.95 19.09 28.02
N THR A 76 7.90 19.70 29.20
CA THR A 76 9.01 19.59 30.14
C THR A 76 8.63 18.73 31.34
N ASN A 77 9.47 17.74 31.63
CA ASN A 77 9.24 16.89 32.78
C ASN A 77 10.09 17.52 33.89
N ASN A 78 9.46 18.28 34.77
N ASN A 78 9.44 18.29 34.75
CA ASN A 78 10.18 18.96 35.86
CA ASN A 78 10.13 18.96 35.85
C ASN A 78 10.35 18.08 37.09
C ASN A 78 10.21 18.12 37.12
N HIS A 79 10.01 16.80 36.99
CA HIS A 79 10.12 15.92 38.13
C HIS A 79 11.60 15.81 38.46
N ALA A 80 11.90 15.53 39.73
CA ALA A 80 13.27 15.40 40.17
C ALA A 80 13.95 14.12 39.70
N THR A 81 13.23 13.00 39.73
CA THR A 81 13.82 11.72 39.36
C THR A 81 13.00 10.73 38.50
N GLU A 82 11.71 10.98 38.33
CA GLU A 82 10.87 10.05 37.57
C GLU A 82 10.52 10.50 36.15
N ALA A 83 10.52 9.54 35.23
CA ALA A 83 10.21 9.83 33.84
C ALA A 83 8.74 9.53 33.53
N VAL A 84 8.33 9.82 32.30
CA VAL A 84 6.98 9.49 31.85
C VAL A 84 7.16 8.90 30.46
N ALA A 85 6.18 8.12 30.02
CA ALA A 85 6.24 7.49 28.70
C ALA A 85 4.92 7.72 27.96
N LEU A 86 5.02 7.73 26.63
CA LEU A 86 3.84 7.92 25.81
C LEU A 86 2.72 6.95 26.14
N THR A 87 1.49 7.46 26.10
CA THR A 87 0.31 6.60 26.28
C THR A 87 0.11 5.98 24.88
N ASP A 88 -0.87 5.10 24.73
CA ASP A 88 -1.13 4.48 23.43
C ASP A 88 -1.53 5.52 22.37
N PHE A 89 -2.22 6.58 22.75
CA PHE A 89 -2.64 7.60 21.77
C PHE A 89 -1.58 8.68 21.62
N GLY A 90 -0.79 8.90 22.66
CA GLY A 90 0.29 9.86 22.58
C GLY A 90 -0.03 11.22 22.00
N PRO A 91 0.71 11.66 20.96
CA PRO A 91 0.44 12.98 20.38
C PRO A 91 -0.94 13.15 19.76
N ALA A 92 -1.66 12.06 19.54
CA ALA A 92 -3.01 12.19 18.97
C ALA A 92 -3.91 12.88 19.99
N ASN A 93 -3.46 12.99 21.23
CA ASN A 93 -4.26 13.69 22.24
C ASN A 93 -3.81 15.15 22.43
N LEU A 94 -3.01 15.69 21.49
CA LEU A 94 -2.60 17.10 21.57
C LEU A 94 -3.83 17.98 21.34
N VAL A 95 -4.79 17.47 20.57
CA VAL A 95 -6.05 18.18 20.36
C VAL A 95 -7.07 17.28 21.07
N GLN A 96 -7.80 17.84 22.02
N GLN A 96 -7.79 17.86 22.02
CA GLN A 96 -8.79 17.06 22.75
CA GLN A 96 -8.81 17.12 22.78
C GLN A 96 -10.11 16.95 21.97
C GLN A 96 -10.08 16.95 21.94
N ARG A 97 -10.53 18.06 21.37
CA ARG A 97 -11.76 18.08 20.58
C ARG A 97 -11.75 19.10 19.46
N VAL A 98 -12.60 18.85 18.48
N VAL A 98 -12.61 18.86 18.49
CA VAL A 98 -12.76 19.70 17.32
CA VAL A 98 -12.75 19.77 17.37
C VAL A 98 -14.25 19.86 16.99
C VAL A 98 -14.24 19.89 17.02
N ILE A 99 -14.66 21.07 16.59
CA ILE A 99 -16.03 21.28 16.18
C ILE A 99 -16.00 22.25 15.03
N TYR A 100 -16.75 21.95 13.98
CA TYR A 100 -16.83 22.84 12.83
C TYR A 100 -18.27 23.29 12.56
N TYR A 101 -18.46 24.61 12.39
CA TYR A 101 -19.77 25.17 12.06
C TYR A 101 -19.63 25.84 10.70
N ASP A 102 -20.55 25.57 9.77
CA ASP A 102 -20.47 26.18 8.44
C ASP A 102 -21.12 27.58 8.43
N PRO A 103 -21.09 28.28 7.28
CA PRO A 103 -21.69 29.63 7.20
C PRO A 103 -23.17 29.73 7.55
N ASP A 104 -23.88 28.61 7.47
CA ASP A 104 -25.31 28.61 7.80
C ASP A 104 -25.53 28.14 9.24
N ASN A 105 -24.49 28.18 10.06
N ASN A 105 -24.44 28.17 10.00
CA ASN A 105 -24.64 27.79 11.45
CA ASN A 105 -24.38 27.77 11.41
C ASN A 105 -25.02 26.31 11.63
C ASN A 105 -24.75 26.31 11.69
N GLN A 106 -24.63 25.47 10.68
CA GLN A 106 -24.93 24.04 10.81
C GLN A 106 -23.61 23.35 11.18
N ARG A 107 -23.63 22.51 12.21
CA ARG A 107 -22.44 21.80 12.61
C ARG A 107 -22.16 20.60 11.74
N HIS A 108 -20.88 20.35 11.50
CA HIS A 108 -20.50 19.16 10.75
C HIS A 108 -19.82 18.29 11.80
N THR A 109 -18.50 18.09 11.68
CA THR A 109 -17.81 17.26 12.67
C THR A 109 -17.78 17.86 14.10
N GLU A 110 -18.01 16.99 15.08
CA GLU A 110 -17.91 17.34 16.51
C GLU A 110 -17.39 16.07 17.14
N THR A 111 -16.08 15.99 17.32
CA THR A 111 -15.50 14.78 17.87
C THR A 111 -14.18 15.01 18.60
N SER A 112 -13.60 13.95 19.14
CA SER A 112 -12.34 14.03 19.85
C SER A 112 -11.15 14.00 18.89
N GLY A 113 -10.01 14.52 19.35
CA GLY A 113 -8.83 14.49 18.51
C GLY A 113 -8.41 13.05 18.18
N TRP A 114 -8.49 12.15 19.16
CA TRP A 114 -8.06 10.78 18.86
C TRP A 114 -8.98 10.10 17.86
N HIS A 115 -10.28 10.36 17.92
CA HIS A 115 -11.19 9.73 16.97
C HIS A 115 -10.90 10.29 15.57
N LEU A 116 -10.76 11.62 15.49
CA LEU A 116 -10.45 12.26 14.21
C LEU A 116 -9.19 11.64 13.61
N HIS A 117 -8.16 11.45 14.44
CA HIS A 117 -6.91 10.86 13.98
C HIS A 117 -7.12 9.42 13.47
N PHE A 118 -7.89 8.62 14.19
CA PHE A 118 -8.11 7.24 13.74
C PHE A 118 -8.85 7.20 12.41
N VAL A 119 -9.76 8.14 12.18
CA VAL A 119 -10.47 8.19 10.89
C VAL A 119 -9.48 8.63 9.78
N ASN A 120 -8.58 9.57 10.10
CA ASN A 120 -7.57 10.01 9.13
C ASN A 120 -6.77 8.76 8.69
N THR A 121 -6.42 7.92 9.66
CA THR A 121 -5.70 6.68 9.35
C THR A 121 -6.56 5.72 8.51
N ALA A 122 -7.81 5.48 8.91
CA ALA A 122 -8.69 4.59 8.15
C ALA A 122 -8.84 5.06 6.71
N LYS A 123 -8.97 6.37 6.48
CA LYS A 123 -9.12 6.91 5.14
C LYS A 123 -7.83 6.82 4.31
N GLN A 124 -6.67 6.91 4.97
CA GLN A 124 -5.40 6.78 4.25
C GLN A 124 -5.09 5.32 3.91
N GLY A 125 -5.54 4.40 4.76
CA GLY A 125 -5.25 2.99 4.52
C GLY A 125 -3.94 2.59 5.18
N ALA A 126 -3.45 3.45 6.07
CA ALA A 126 -2.20 3.23 6.84
C ALA A 126 -2.11 4.32 7.91
N PRO A 127 -1.31 4.11 8.97
CA PRO A 127 -1.18 5.12 10.04
C PRO A 127 -0.97 6.48 9.36
N PHE A 128 -1.85 7.42 9.67
CA PHE A 128 -1.85 8.74 9.04
C PHE A 128 -0.51 9.46 9.01
N LEU A 129 -0.10 9.86 7.80
CA LEU A 129 1.15 10.58 7.58
C LEU A 129 2.39 9.88 8.17
N SER A 130 2.35 8.55 8.24
CA SER A 130 3.48 7.80 8.77
C SER A 130 4.54 7.55 7.68
N SER A 131 5.71 7.13 8.14
CA SER A 131 6.82 6.77 7.26
C SER A 131 6.99 5.26 7.42
N MET A 132 6.76 4.54 6.32
N MET A 132 6.74 4.53 6.34
CA MET A 132 6.87 3.07 6.28
CA MET A 132 6.88 3.08 6.38
C MET A 132 8.33 2.63 6.22
C MET A 132 8.36 2.75 6.40
N VAL A 133 8.68 1.62 7.02
CA VAL A 133 10.07 1.15 7.05
C VAL A 133 10.29 0.12 5.94
N THR A 134 11.39 0.26 5.19
CA THR A 134 11.73 -0.69 4.12
C THR A 134 13.23 -0.96 4.17
N ASP A 135 13.68 -1.92 3.37
CA ASP A 135 15.10 -2.28 3.29
C ASP A 135 15.86 -1.37 2.33
N SER A 136 15.23 -0.31 1.82
CA SER A 136 15.95 0.51 0.85
C SER A 136 17.27 1.10 1.37
N PRO A 137 18.37 0.91 0.62
CA PRO A 137 19.67 1.45 1.05
C PRO A 137 19.67 2.97 0.84
N ILE A 138 18.83 3.46 -0.08
CA ILE A 138 18.74 4.90 -0.32
C ILE A 138 18.10 5.46 0.95
N LYS A 139 18.61 6.57 1.46
CA LYS A 139 18.13 7.05 2.74
C LYS A 139 16.76 7.71 2.90
N TYR A 140 15.75 7.02 2.40
CA TYR A 140 14.35 7.43 2.63
C TYR A 140 14.17 7.05 4.11
N GLY A 141 13.07 7.50 4.71
CA GLY A 141 12.82 7.14 6.10
C GLY A 141 12.15 8.26 6.84
N ASP A 142 12.27 8.23 8.17
CA ASP A 142 11.69 9.28 8.98
C ASP A 142 12.75 10.39 9.00
N VAL A 143 12.73 11.19 7.94
CA VAL A 143 13.66 12.29 7.75
C VAL A 143 13.10 13.59 8.30
N MET A 144 11.80 13.79 8.08
CA MET A 144 11.13 15.02 8.46
C MET A 144 10.28 15.02 9.71
N ASN A 145 10.19 13.88 10.39
CA ASN A 145 9.42 13.80 11.63
C ASN A 145 8.07 14.51 11.56
N VAL A 146 7.29 14.15 10.54
CA VAL A 146 5.98 14.76 10.32
C VAL A 146 5.02 14.58 11.50
N ILE A 147 4.88 13.35 12.01
CA ILE A 147 4.09 13.11 13.21
C ILE A 147 5.12 12.44 14.10
N ASP A 148 5.40 13.05 15.24
CA ASP A 148 6.52 12.58 16.04
C ASP A 148 6.38 12.93 17.51
N ALA A 149 6.90 12.07 18.38
CA ALA A 149 6.88 12.33 19.82
C ALA A 149 7.87 11.39 20.52
N PRO A 150 8.69 11.91 21.46
CA PRO A 150 9.63 10.99 22.12
C PRO A 150 8.89 9.93 22.94
N ALA A 151 9.39 8.69 22.85
CA ALA A 151 8.78 7.57 23.55
C ALA A 151 8.72 7.81 25.05
N THR A 152 9.74 8.50 25.56
CA THR A 152 9.79 8.84 26.98
C THR A 152 10.40 10.21 27.12
N ILE A 153 10.09 10.87 28.23
CA ILE A 153 10.69 12.17 28.55
C ILE A 153 11.21 11.95 29.96
N ALA A 154 12.53 11.93 30.10
CA ALA A 154 13.15 11.68 31.40
C ALA A 154 13.04 12.87 32.34
N ALA A 155 13.20 12.60 33.63
CA ALA A 155 13.14 13.65 34.64
C ALA A 155 14.11 14.75 34.25
N GLY A 156 13.60 15.98 34.20
CA GLY A 156 14.42 17.12 33.86
C GLY A 156 14.54 17.41 32.38
N ALA A 157 14.00 16.54 31.53
CA ALA A 157 14.10 16.72 30.09
C ALA A 157 12.90 17.42 29.45
N THR A 158 13.11 17.94 28.25
CA THR A 158 12.06 18.59 27.48
C THR A 158 11.94 17.87 26.13
N GLY A 159 10.74 17.40 25.82
CA GLY A 159 10.52 16.69 24.56
C GLY A 159 9.75 17.56 23.58
N GLU A 160 10.03 17.37 22.29
CA GLU A 160 9.37 18.13 21.22
C GLU A 160 8.44 17.20 20.43
N LEU A 161 7.20 17.63 20.23
CA LEU A 161 6.19 16.83 19.55
C LEU A 161 5.60 17.52 18.35
N THR A 162 5.18 16.73 17.36
CA THR A 162 4.52 17.25 16.16
C THR A 162 3.36 16.34 15.84
N MET A 163 2.20 16.93 15.58
CA MET A 163 0.99 16.17 15.26
C MET A 163 0.23 16.87 14.16
N TYR A 164 -0.40 16.10 13.28
CA TYR A 164 -1.22 16.66 12.20
C TYR A 164 -2.59 15.98 12.24
N TYR A 165 -3.63 16.76 11.95
CA TYR A 165 -5.00 16.25 11.87
C TYR A 165 -5.60 16.84 10.60
N TRP A 166 -6.43 16.05 9.93
CA TRP A 166 -7.13 16.55 8.76
C TRP A 166 -8.61 16.60 9.18
N VAL A 167 -9.18 17.79 9.18
CA VAL A 167 -10.60 17.94 9.52
C VAL A 167 -11.29 17.98 8.16
N PRO A 168 -12.02 16.91 7.82
CA PRO A 168 -12.70 16.88 6.53
C PRO A 168 -14.06 17.53 6.46
N LEU A 169 -14.35 18.13 5.31
CA LEU A 169 -15.70 18.65 5.05
C LEU A 169 -16.06 17.73 3.89
N ALA A 170 -15.34 17.84 2.77
CA ALA A 170 -15.56 16.96 1.64
C ALA A 170 -15.11 15.55 2.06
N TYR A 171 -15.76 14.53 1.53
CA TYR A 171 -15.40 13.16 1.87
C TYR A 171 -13.97 12.82 1.40
N SER A 172 -13.61 13.23 0.19
CA SER A 172 -12.27 12.94 -0.32
C SER A 172 -11.85 13.97 -1.35
N GLU A 173 -10.70 13.74 -1.99
CA GLU A 173 -10.20 14.66 -3.00
C GLU A 173 -11.07 14.60 -4.27
N THR A 174 -11.73 13.47 -4.48
CA THR A 174 -12.57 13.28 -5.67
C THR A 174 -14.07 13.18 -5.41
N ASP A 175 -14.47 13.05 -4.14
CA ASP A 175 -15.88 12.97 -3.79
C ASP A 175 -16.17 14.19 -2.94
N LEU A 176 -16.87 15.18 -3.50
CA LEU A 176 -17.14 16.41 -2.78
C LEU A 176 -18.34 16.40 -1.84
N THR A 177 -18.91 15.23 -1.62
CA THR A 177 -20.03 15.09 -0.69
C THR A 177 -19.55 15.65 0.65
N GLY A 178 -20.30 16.60 1.21
CA GLY A 178 -19.93 17.18 2.49
C GLY A 178 -19.15 18.46 2.40
N ALA A 179 -18.69 18.81 1.20
CA ALA A 179 -17.94 20.05 1.03
C ALA A 179 -18.84 21.25 1.32
N VAL A 180 -18.22 22.39 1.59
CA VAL A 180 -18.95 23.62 1.91
C VAL A 180 -18.71 24.77 0.95
N LEU A 181 -19.80 25.35 0.45
CA LEU A 181 -19.69 26.50 -0.46
C LEU A 181 -19.59 27.75 0.42
N ALA A 182 -18.48 28.46 0.32
CA ALA A 182 -18.27 29.65 1.13
C ALA A 182 -17.76 30.84 0.33
N ASN A 183 -17.87 30.75 -0.99
CA ASN A 183 -17.42 31.83 -1.87
C ASN A 183 -18.40 32.98 -1.78
N VAL A 184 -19.59 32.67 -1.25
CA VAL A 184 -20.64 33.66 -1.12
C VAL A 184 -21.15 33.89 0.31
N PRO A 185 -21.66 32.83 0.97
CA PRO A 185 -22.20 32.86 2.33
C PRO A 185 -22.05 34.10 3.21
N GLN A 186 -20.90 34.77 3.14
CA GLN A 186 -20.67 35.99 3.92
C GLN A 186 -20.52 35.65 5.41
N SER A 187 -21.55 35.06 6.01
CA SER A 187 -21.51 34.68 7.42
C SER A 187 -20.25 33.84 7.64
N LYS A 188 -19.64 33.99 8.81
CA LYS A 188 -18.39 33.27 9.09
C LYS A 188 -18.47 31.80 9.48
N GLN A 189 -17.41 31.08 9.16
CA GLN A 189 -17.30 29.67 9.51
C GLN A 189 -16.60 29.68 10.85
N ARG A 190 -16.73 28.59 11.58
CA ARG A 190 -16.10 28.48 12.88
C ARG A 190 -15.41 27.12 12.98
N LEU A 191 -14.09 27.11 13.20
CA LEU A 191 -13.39 25.84 13.41
C LEU A 191 -12.90 25.95 14.85
N LYS A 192 -13.58 25.24 15.75
CA LYS A 192 -13.24 25.30 17.16
C LYS A 192 -12.27 24.19 17.55
N LEU A 193 -11.19 24.55 18.23
CA LEU A 193 -10.19 23.59 18.63
C LEU A 193 -9.91 23.67 20.11
N GLU A 194 -10.00 22.54 20.80
CA GLU A 194 -9.68 22.52 22.21
C GLU A 194 -8.42 21.67 22.36
N PHE A 195 -7.35 22.30 22.81
CA PHE A 195 -6.08 21.60 22.99
C PHE A 195 -5.86 20.96 24.34
N ALA A 196 -4.90 20.04 24.39
CA ALA A 196 -4.55 19.40 25.64
C ALA A 196 -4.04 20.52 26.56
N ASN A 197 -4.07 20.27 27.87
CA ASN A 197 -3.55 21.25 28.83
C ASN A 197 -2.79 20.51 29.93
N ASN A 198 -2.32 21.24 30.94
CA ASN A 198 -1.55 20.59 31.99
C ASN A 198 -2.35 19.64 32.85
N ASN A 199 -3.67 19.66 32.68
CA ASN A 199 -4.56 18.80 33.42
C ASN A 199 -4.98 17.54 32.62
N THR A 200 -4.90 17.59 31.30
CA THR A 200 -5.31 16.43 30.52
C THR A 200 -4.16 15.61 29.90
N ALA A 201 -3.04 16.28 29.63
CA ALA A 201 -1.90 15.64 28.97
C ALA A 201 -1.07 14.64 29.77
N PHE A 202 -1.13 14.70 31.09
CA PHE A 202 -0.31 13.85 31.92
C PHE A 202 -1.06 13.00 32.91
N ALA A 203 -0.86 11.69 32.82
CA ALA A 203 -1.54 10.74 33.71
C ALA A 203 -0.58 10.10 34.69
N ALA A 204 -1.00 10.06 35.95
CA ALA A 204 -0.18 9.45 36.99
C ALA A 204 -0.28 7.92 36.83
N VAL A 205 0.71 7.21 37.37
CA VAL A 205 0.67 5.76 37.30
C VAL A 205 -0.64 5.34 37.95
N GLY A 206 -1.37 4.42 37.32
CA GLY A 206 -2.63 3.99 37.89
C GLY A 206 -3.85 4.76 37.46
N ALA A 207 -3.64 5.94 36.87
CA ALA A 207 -4.77 6.75 36.40
C ALA A 207 -5.13 6.33 34.97
N ASN A 208 -6.33 6.72 34.52
CA ASN A 208 -6.78 6.38 33.18
C ASN A 208 -5.96 7.18 32.16
N PRO A 209 -5.26 6.50 31.23
CA PRO A 209 -4.44 7.21 30.22
C PRO A 209 -5.17 7.57 28.92
N LEU A 210 -6.46 7.26 28.83
CA LEU A 210 -7.23 7.51 27.61
C LEU A 210 -7.02 8.84 26.91
N GLU A 211 -7.17 9.95 27.66
CA GLU A 211 -7.04 11.29 27.08
C GLU A 211 -5.67 11.92 27.23
N ALA A 212 -4.74 11.21 27.84
CA ALA A 212 -3.41 11.76 28.08
C ALA A 212 -2.40 11.51 26.97
N ILE A 213 -1.30 12.25 27.02
CA ILE A 213 -0.22 12.12 26.04
C ILE A 213 0.93 11.30 26.67
N TYR A 214 1.22 11.58 27.94
CA TYR A 214 2.26 10.84 28.66
C TYR A 214 1.73 10.34 29.99
N GLN A 215 2.27 9.21 30.45
CA GLN A 215 1.87 8.63 31.72
C GLN A 215 3.13 8.13 32.42
N GLY A 216 3.17 8.26 33.74
CA GLY A 216 4.35 7.80 34.45
C GLY A 216 4.50 8.42 35.82
N ALA A 217 5.50 7.95 36.56
CA ALA A 217 5.78 8.41 37.92
C ALA A 217 6.11 9.89 38.04
N GLY A 218 6.54 10.50 36.94
CA GLY A 218 6.87 11.92 36.99
C GLY A 218 5.77 12.83 36.46
N ALA A 219 4.61 12.26 36.15
CA ALA A 219 3.51 13.03 35.58
C ALA A 219 3.04 14.28 36.30
N ALA A 220 2.92 14.21 37.62
CA ALA A 220 2.45 15.36 38.41
C ALA A 220 3.30 16.60 38.18
N ASP A 221 4.57 16.41 37.83
CA ASP A 221 5.47 17.53 37.58
C ASP A 221 5.77 17.81 36.12
N CYS A 222 4.93 17.29 35.22
CA CYS A 222 5.12 17.56 33.80
C CYS A 222 4.28 18.78 33.46
N GLU A 223 4.71 19.52 32.44
CA GLU A 223 3.98 20.70 32.01
C GLU A 223 4.35 21.07 30.60
N PHE A 224 3.46 21.81 29.95
CA PHE A 224 3.73 22.29 28.61
C PHE A 224 4.60 23.55 28.70
N GLU A 225 5.65 23.61 27.89
CA GLU A 225 6.48 24.79 27.84
C GLU A 225 5.65 25.72 26.95
N GLU A 226 5.06 25.15 25.89
N GLU A 226 5.05 25.14 25.91
CA GLU A 226 4.19 25.88 24.98
CA GLU A 226 4.19 25.87 24.98
C GLU A 226 3.66 24.99 23.86
C GLU A 226 3.61 24.96 23.91
N ILE A 227 2.60 25.46 23.22
CA ILE A 227 1.95 24.73 22.13
C ILE A 227 1.77 25.73 21.00
N SER A 228 1.88 25.26 19.77
N SER A 228 1.91 25.26 19.78
CA SER A 228 1.68 26.11 18.62
CA SER A 228 1.73 26.09 18.59
C SER A 228 0.84 25.32 17.61
C SER A 228 0.86 25.32 17.61
N TYR A 229 0.05 26.04 16.83
CA TYR A 229 -0.77 25.40 15.83
C TYR A 229 -0.79 26.27 14.61
N THR A 230 -0.97 25.64 13.46
CA THR A 230 -1.07 26.34 12.19
C THR A 230 -2.18 25.61 11.47
N VAL A 231 -3.17 26.35 11.00
CA VAL A 231 -4.28 25.75 10.27
C VAL A 231 -4.14 26.09 8.80
N TYR A 232 -4.18 25.08 7.95
CA TYR A 232 -4.11 25.28 6.51
C TYR A 232 -5.49 24.93 5.95
N GLN A 233 -6.05 25.78 5.11
CA GLN A 233 -7.36 25.52 4.54
C GLN A 233 -7.22 25.03 3.10
N SER A 234 -7.92 23.94 2.79
CA SER A 234 -7.90 23.38 1.44
C SER A 234 -9.22 23.66 0.76
N TYR A 235 -9.16 24.30 -0.40
CA TYR A 235 -10.39 24.63 -1.11
C TYR A 235 -10.20 24.64 -2.62
N LEU A 236 -11.29 24.79 -3.34
CA LEU A 236 -11.28 24.85 -4.79
C LEU A 236 -11.63 26.27 -5.19
N ASP A 237 -10.79 26.87 -6.02
CA ASP A 237 -11.01 28.24 -6.47
C ASP A 237 -11.30 28.26 -7.98
N GLN A 238 -11.70 29.41 -8.50
CA GLN A 238 -12.00 29.55 -9.92
C GLN A 238 -13.10 28.58 -10.31
N LEU A 239 -14.20 28.61 -9.57
CA LEU A 239 -15.32 27.71 -9.84
C LEU A 239 -15.89 27.94 -11.24
N PRO A 240 -16.24 26.84 -11.94
CA PRO A 240 -16.80 26.92 -13.29
C PRO A 240 -18.20 27.55 -13.33
N VAL A 241 -18.41 28.40 -14.33
CA VAL A 241 -19.69 29.09 -14.51
C VAL A 241 -20.36 28.63 -15.81
N GLY A 242 -21.67 28.50 -15.79
CA GLY A 242 -22.40 28.08 -16.97
C GLY A 242 -23.55 29.02 -17.28
N GLN A 243 -24.61 28.49 -17.89
CA GLN A 243 -25.78 29.30 -18.24
C GLN A 243 -26.43 29.90 -16.99
N ASN A 244 -27.05 29.04 -16.17
CA ASN A 244 -27.73 29.48 -14.96
C ASN A 244 -26.77 30.05 -13.91
N GLY A 245 -25.47 29.98 -14.20
CA GLY A 245 -24.49 30.49 -13.26
C GLY A 245 -23.47 29.44 -12.87
N TYR A 246 -23.01 29.48 -11.63
CA TYR A 246 -22.02 28.49 -11.17
C TYR A 246 -22.54 27.07 -11.28
N ILE A 247 -21.69 26.20 -11.83
CA ILE A 247 -22.01 24.79 -11.99
C ILE A 247 -21.61 24.11 -10.69
N LEU A 248 -22.61 23.64 -9.93
CA LEU A 248 -22.34 23.03 -8.64
C LEU A 248 -23.10 21.73 -8.36
N PRO A 249 -22.45 20.78 -7.67
CA PRO A 249 -23.08 19.50 -7.33
C PRO A 249 -23.98 19.78 -6.12
N LEU A 250 -25.27 20.01 -6.38
CA LEU A 250 -26.22 20.34 -5.34
C LEU A 250 -26.40 19.29 -4.25
N ILE A 251 -26.28 18.01 -4.62
CA ILE A 251 -26.41 16.94 -3.64
C ILE A 251 -25.17 16.97 -2.74
N ASP A 252 -23.99 17.04 -3.34
CA ASP A 252 -22.74 17.07 -2.57
C ASP A 252 -22.78 18.19 -1.53
N LEU A 253 -23.11 19.40 -1.99
CA LEU A 253 -23.15 20.57 -1.12
C LEU A 253 -24.31 20.64 -0.13
N SER A 254 -25.30 19.76 -0.31
N SER A 254 -25.30 19.77 -0.27
CA SER A 254 -26.47 19.71 0.57
CA SER A 254 -26.42 19.78 0.67
C SER A 254 -26.42 18.47 1.45
C SER A 254 -26.36 18.58 1.61
N THR A 255 -25.25 17.85 1.52
CA THR A 255 -25.06 16.67 2.36
C THR A 255 -23.96 16.97 3.37
N LEU A 256 -24.12 16.48 4.58
CA LEU A 256 -23.12 16.69 5.63
C LEU A 256 -22.30 15.41 5.78
N TYR A 257 -20.98 15.54 5.86
CA TYR A 257 -20.10 14.41 6.08
C TYR A 257 -19.48 14.80 7.42
N ASN A 258 -19.90 14.08 8.46
CA ASN A 258 -19.48 14.37 9.83
C ASN A 258 -18.87 13.20 10.58
N LEU A 259 -18.04 13.54 11.56
CA LEU A 259 -17.48 12.56 12.47
C LEU A 259 -18.07 13.00 13.80
N GLU A 260 -18.50 12.04 14.61
CA GLU A 260 -19.07 12.34 15.93
C GLU A 260 -18.70 11.24 16.92
N ASN A 261 -18.63 11.57 18.20
CA ASN A 261 -18.32 10.57 19.20
C ASN A 261 -19.39 10.52 20.28
N SER A 262 -19.42 9.42 21.04
N SER A 262 -19.39 9.44 21.05
CA SER A 262 -20.37 9.25 22.13
CA SER A 262 -20.35 9.27 22.15
C SER A 262 -19.78 8.26 23.13
C SER A 262 -19.74 8.30 23.14
N ALA A 263 -20.37 8.18 24.30
CA ALA A 263 -19.90 7.26 25.34
C ALA A 263 -21.10 6.48 25.84
N GLN A 264 -20.89 5.20 26.12
CA GLN A 264 -21.94 4.32 26.60
C GLN A 264 -21.39 3.47 27.73
N ALA A 265 -22.20 3.21 28.75
CA ALA A 265 -21.78 2.38 29.87
C ALA A 265 -22.87 1.37 30.21
N GLY A 266 -22.56 0.43 31.09
CA GLY A 266 -23.55 -0.57 31.47
C GLY A 266 -23.18 -1.96 31.00
N LEU A 267 -21.88 -2.21 30.85
CA LEU A 267 -21.40 -3.52 30.40
C LEU A 267 -21.33 -4.54 31.53
N THR A 268 -21.65 -5.78 31.22
N THR A 268 -21.65 -5.78 31.21
CA THR A 268 -21.60 -6.86 32.20
CA THR A 268 -21.61 -6.85 32.20
C THR A 268 -21.03 -8.10 31.53
C THR A 268 -21.04 -8.11 31.53
N PRO A 269 -20.16 -8.84 32.23
CA PRO A 269 -19.56 -10.05 31.67
C PRO A 269 -20.50 -11.01 30.96
N ASN A 270 -20.09 -11.43 29.78
CA ASN A 270 -20.81 -12.37 28.95
C ASN A 270 -22.19 -11.99 28.47
N VAL A 271 -22.52 -10.70 28.55
CA VAL A 271 -23.83 -10.24 28.08
C VAL A 271 -23.63 -9.28 26.92
N ASP A 272 -24.45 -9.39 25.87
CA ASP A 272 -24.33 -8.50 24.73
C ASP A 272 -24.61 -7.04 25.11
N PHE A 273 -23.63 -6.18 24.85
CA PHE A 273 -23.78 -4.75 25.10
C PHE A 273 -24.02 -4.18 23.71
N VAL A 274 -25.21 -3.62 23.50
CA VAL A 274 -25.61 -3.09 22.20
C VAL A 274 -25.71 -1.57 22.15
N VAL A 275 -25.03 -0.97 21.17
CA VAL A 275 -25.09 0.46 20.98
C VAL A 275 -25.88 0.66 19.69
N GLN A 276 -27.06 1.24 19.81
N GLN A 276 -27.08 1.22 19.80
CA GLN A 276 -27.94 1.47 18.67
CA GLN A 276 -27.94 1.42 18.65
C GLN A 276 -27.48 2.58 17.72
C GLN A 276 -27.49 2.55 17.72
N TYR A 277 -27.65 2.34 16.42
CA TYR A 277 -27.31 3.35 15.42
C TYR A 277 -28.61 4.14 15.26
N ALA A 278 -28.50 5.46 15.05
CA ALA A 278 -29.69 6.29 14.88
C ALA A 278 -30.18 6.14 13.45
N ASN A 279 -31.40 6.60 13.19
CA ASN A 279 -31.93 6.53 11.83
C ASN A 279 -31.52 7.79 11.09
N LEU A 280 -31.75 7.80 9.78
CA LEU A 280 -31.44 8.95 8.94
C LEU A 280 -29.97 9.04 8.52
N TYR A 281 -29.06 8.71 9.43
CA TYR A 281 -27.63 8.78 9.11
C TYR A 281 -27.14 7.57 8.34
N ARG A 282 -26.24 7.80 7.39
CA ARG A 282 -25.64 6.71 6.62
C ARG A 282 -24.26 6.57 7.24
N TYR A 283 -24.09 5.58 8.11
CA TYR A 283 -22.82 5.37 8.80
C TYR A 283 -21.77 4.62 7.98
N LEU A 284 -20.70 5.32 7.64
CA LEU A 284 -19.61 4.80 6.83
C LEU A 284 -18.61 3.97 7.63
N SER A 285 -18.37 4.36 8.88
CA SER A 285 -17.46 3.60 9.73
C SER A 285 -17.82 3.74 11.19
N THR A 286 -17.39 2.77 11.99
CA THR A 286 -17.62 2.78 13.41
C THR A 286 -16.34 2.40 14.14
N ILE A 287 -16.03 3.15 15.19
CA ILE A 287 -14.89 2.87 16.02
C ILE A 287 -15.42 2.71 17.44
N ALA A 288 -14.98 1.66 18.11
CA ALA A 288 -15.40 1.42 19.49
C ALA A 288 -14.16 1.21 20.32
N VAL A 289 -13.99 2.02 21.36
CA VAL A 289 -12.84 1.89 22.24
C VAL A 289 -13.32 1.34 23.58
N PHE A 290 -12.77 0.18 23.97
CA PHE A 290 -13.17 -0.44 25.23
C PHE A 290 -12.28 0.06 26.36
N ASP A 291 -12.71 1.16 26.97
CA ASP A 291 -11.99 1.73 28.10
C ASP A 291 -12.47 0.88 29.28
N ASN A 292 -11.74 -0.19 29.55
CA ASN A 292 -12.12 -1.10 30.62
C ASN A 292 -11.66 -0.59 31.99
N GLY A 293 -12.27 0.49 32.45
CA GLY A 293 -11.90 1.07 33.73
C GLY A 293 -10.45 1.54 33.74
N GLY A 294 -10.00 2.15 32.64
CA GLY A 294 -8.63 2.62 32.58
C GLY A 294 -7.63 1.62 32.02
N SER A 295 -8.07 0.39 31.82
CA SER A 295 -7.22 -0.65 31.25
C SER A 295 -7.60 -0.81 29.79
N PHE A 296 -6.59 -0.94 28.93
CA PHE A 296 -6.83 -1.13 27.51
C PHE A 296 -6.14 -2.43 27.11
N ASN A 297 -6.94 -3.43 26.78
CA ASN A 297 -6.43 -4.74 26.44
C ASN A 297 -6.55 -5.10 24.97
N ALA A 298 -5.65 -5.97 24.54
CA ALA A 298 -5.62 -6.44 23.16
C ALA A 298 -6.59 -7.58 22.95
N GLY A 299 -7.89 -7.27 23.02
CA GLY A 299 -8.93 -8.25 22.80
C GLY A 299 -9.20 -9.31 23.85
N THR A 300 -8.28 -9.48 24.80
CA THR A 300 -8.44 -10.52 25.82
C THR A 300 -9.59 -10.34 26.80
N ASP A 301 -10.18 -9.14 26.83
CA ASP A 301 -11.32 -8.87 27.70
C ASP A 301 -12.64 -8.87 26.93
N ILE A 302 -12.61 -9.36 25.68
CA ILE A 302 -13.80 -9.42 24.85
C ILE A 302 -14.04 -10.83 24.28
N ASN A 303 -15.30 -11.26 24.28
CA ASN A 303 -15.69 -12.56 23.73
C ASN A 303 -15.84 -12.38 22.22
N TYR A 304 -16.62 -11.38 21.82
CA TYR A 304 -16.81 -11.09 20.40
C TYR A 304 -17.42 -9.72 20.18
N LEU A 305 -17.34 -9.25 18.94
CA LEU A 305 -17.92 -7.98 18.54
C LEU A 305 -18.79 -8.31 17.34
N SER A 306 -19.75 -7.46 17.03
CA SER A 306 -20.62 -7.72 15.90
C SER A 306 -21.44 -6.50 15.52
N GLN A 307 -22.17 -6.59 14.41
CA GLN A 307 -23.11 -5.55 14.01
C GLN A 307 -24.36 -6.41 13.80
N ARG A 308 -25.45 -5.99 14.41
CA ARG A 308 -26.68 -6.77 14.36
C ARG A 308 -27.94 -5.99 13.99
N THR A 309 -28.82 -6.66 13.24
CA THR A 309 -30.09 -6.10 12.83
C THR A 309 -31.19 -6.80 13.62
N ALA A 310 -32.10 -6.02 14.20
CA ALA A 310 -33.18 -6.63 14.97
C ALA A 310 -33.99 -7.55 14.05
N ASN A 311 -34.09 -8.82 14.42
CA ASN A 311 -34.83 -9.81 13.63
C ASN A 311 -34.16 -10.24 12.33
N PHE A 312 -32.83 -10.16 12.29
CA PHE A 312 -32.07 -10.57 11.11
C PHE A 312 -30.68 -11.02 11.55
N SER A 313 -30.50 -11.06 12.87
CA SER A 313 -29.27 -11.48 13.52
C SER A 313 -27.99 -10.71 13.15
N ASP A 314 -26.85 -11.35 13.42
CA ASP A 314 -25.52 -10.79 13.19
C ASP A 314 -25.01 -10.91 11.76
N THR A 315 -24.45 -9.82 11.23
CA THR A 315 -23.90 -9.83 9.89
C THR A 315 -22.39 -10.05 9.94
N ARG A 316 -21.82 -9.94 11.14
CA ARG A 316 -20.39 -10.16 11.32
C ARG A 316 -19.97 -10.33 12.78
N LYS A 317 -20.47 -11.38 13.39
CA LYS A 317 -20.14 -11.70 14.77
C LYS A 317 -18.79 -12.41 14.71
N LEU A 318 -17.75 -11.77 15.24
CA LEU A 318 -16.40 -12.30 15.16
C LEU A 318 -15.59 -12.24 16.45
N ASP A 319 -14.68 -13.21 16.63
CA ASP A 319 -13.82 -13.18 17.80
C ASP A 319 -12.91 -11.95 17.60
N PRO A 320 -12.31 -11.42 18.67
CA PRO A 320 -11.44 -10.24 18.52
C PRO A 320 -10.32 -10.31 17.49
N LYS A 321 -9.59 -11.43 17.43
N LYS A 321 -9.61 -11.44 17.43
CA LYS A 321 -8.50 -11.52 16.45
CA LYS A 321 -8.52 -11.57 16.47
C LYS A 321 -9.01 -11.53 15.01
C LYS A 321 -9.00 -11.54 15.03
N THR A 322 -10.14 -12.19 14.76
CA THR A 322 -10.69 -12.22 13.41
C THR A 322 -11.24 -10.84 13.04
N TRP A 323 -11.78 -10.14 14.03
CA TRP A 323 -12.27 -8.79 13.82
C TRP A 323 -11.04 -7.95 13.45
N ALA A 324 -9.96 -8.13 14.19
CA ALA A 324 -8.71 -7.40 13.93
C ALA A 324 -8.14 -7.73 12.54
N ALA A 325 -8.33 -8.97 12.09
CA ALA A 325 -7.84 -9.36 10.77
C ALA A 325 -8.53 -8.50 9.71
N GLN A 326 -9.84 -8.28 9.83
CA GLN A 326 -10.54 -7.46 8.84
C GLN A 326 -9.95 -6.04 8.85
N THR A 327 -9.62 -5.53 10.03
CA THR A 327 -9.03 -4.20 10.11
C THR A 327 -7.64 -4.16 9.49
N ARG A 328 -6.85 -5.23 9.65
CA ARG A 328 -5.53 -5.24 9.03
C ARG A 328 -5.59 -5.09 7.51
N ARG A 329 -6.70 -5.53 6.92
CA ARG A 329 -6.91 -5.40 5.48
C ARG A 329 -7.19 -3.95 5.10
N ARG A 330 -7.64 -3.16 6.06
CA ARG A 330 -7.98 -1.76 5.81
C ARG A 330 -6.87 -0.76 6.11
N ILE A 331 -6.09 -0.98 7.17
CA ILE A 331 -5.03 -0.03 7.52
C ILE A 331 -3.62 -0.64 7.60
N ALA A 332 -3.50 -1.89 7.15
CA ALA A 332 -2.20 -2.56 7.09
C ALA A 332 -1.50 -2.79 8.43
N THR A 333 -2.25 -2.71 9.53
CA THR A 333 -1.72 -2.90 10.87
C THR A 333 -2.93 -2.90 11.82
N ASP A 334 -2.67 -2.97 13.12
CA ASP A 334 -3.76 -2.93 14.11
C ASP A 334 -3.85 -1.54 14.72
N PHE A 335 -5.05 -1.13 15.11
CA PHE A 335 -5.20 0.13 15.84
C PHE A 335 -4.67 -0.19 17.23
N PRO A 336 -4.42 0.83 18.07
CA PRO A 336 -3.90 0.57 19.43
C PRO A 336 -4.79 -0.34 20.29
N LYS A 337 -4.24 -0.85 21.39
CA LYS A 337 -4.98 -1.75 22.28
C LYS A 337 -6.36 -1.23 22.69
N GLY A 338 -7.37 -2.09 22.53
CA GLY A 338 -8.71 -1.73 22.93
C GLY A 338 -9.49 -0.88 21.94
N VAL A 339 -8.87 -0.58 20.80
CA VAL A 339 -9.52 0.23 19.76
C VAL A 339 -9.97 -0.70 18.62
N TYR A 340 -11.27 -0.72 18.35
CA TYR A 340 -11.83 -1.58 17.29
C TYR A 340 -12.52 -0.78 16.21
N TYR A 341 -12.22 -1.16 14.97
CA TYR A 341 -12.73 -0.47 13.81
C TYR A 341 -13.62 -1.35 12.95
N CYS A 342 -14.59 -0.72 12.30
CA CYS A 342 -15.52 -1.40 11.43
C CYS A 342 -15.78 -0.54 10.20
N ASP A 343 -15.48 -1.08 9.02
CA ASP A 343 -15.68 -0.37 7.75
C ASP A 343 -17.02 -0.78 7.12
N ASN A 344 -17.88 0.20 6.85
CA ASN A 344 -19.18 -0.04 6.20
C ASN A 344 -19.32 0.98 5.06
N ARG A 345 -18.20 1.37 4.47
CA ARG A 345 -18.21 2.37 3.40
C ARG A 345 -18.97 2.02 2.13
N ASP A 346 -18.84 0.78 1.67
CA ASP A 346 -19.52 0.39 0.45
C ASP A 346 -21.02 0.23 0.62
N LYS A 347 -21.44 -0.15 1.84
CA LYS A 347 -22.85 -0.29 2.16
C LYS A 347 -23.05 0.25 3.56
N PRO A 348 -23.23 1.58 3.68
CA PRO A 348 -23.43 2.28 4.94
C PRO A 348 -24.59 1.76 5.78
N ILE A 349 -24.42 1.71 7.10
CA ILE A 349 -25.49 1.29 7.98
C ILE A 349 -26.52 2.42 7.86
N TYR A 350 -27.75 2.05 7.50
CA TYR A 350 -28.82 3.01 7.30
C TYR A 350 -30.16 2.36 7.65
N THR A 351 -30.80 2.84 8.72
N THR A 351 -30.66 2.68 8.84
CA THR A 351 -32.09 2.32 9.11
CA THR A 351 -31.89 2.10 9.38
C THR A 351 -33.13 3.44 9.07
C THR A 351 -33.10 2.15 8.47
N LEU A 352 -34.35 3.12 8.68
N LEU A 352 -33.19 3.18 7.63
CA LEU A 352 -35.42 4.11 8.64
CA LEU A 352 -34.31 3.31 6.71
C LEU A 352 -35.99 4.24 10.05
C LEU A 352 -34.09 2.34 5.55
N GLN A 353 -35.76 3.21 10.85
N GLN A 353 -33.27 1.32 5.80
CA GLN A 353 -36.23 3.18 12.24
CA GLN A 353 -32.95 0.32 4.80
C GLN A 353 -35.02 3.25 13.16
C GLN A 353 -33.04 -1.09 5.36
N TYR A 354 -35.15 4.02 14.23
N TYR A 354 -32.55 -1.26 6.60
CA TYR A 354 -34.05 4.18 15.18
CA TYR A 354 -32.57 -2.56 7.24
C TYR A 354 -33.61 2.87 15.82
C TYR A 354 -32.99 -2.46 8.71
N GLY A 355 -32.33 2.54 15.66
N GLY A 355 -33.86 -1.51 9.01
CA GLY A 355 -31.80 1.32 16.24
CA GLY A 355 -34.33 -1.34 10.37
C GLY A 355 -32.18 0.02 15.57
C GLY A 355 -33.25 -1.18 11.45
N ASN A 356 -32.57 0.07 14.31
N ASN A 356 -33.69 -1.22 12.71
CA ASN A 356 -32.92 -1.16 13.59
CA ASN A 356 -32.82 -1.08 13.87
C ASN A 356 -31.62 -1.93 13.38
C ASN A 356 -31.53 -1.90 13.79
N VAL A 357 -30.52 -1.31 13.78
N VAL A 357 -30.40 -1.20 13.69
CA VAL A 357 -29.19 -1.91 13.69
CA VAL A 357 -29.10 -1.84 13.63
C VAL A 357 -28.37 -1.43 14.89
C VAL A 357 -28.30 -1.40 14.84
N GLY A 358 -27.55 -2.33 15.43
CA GLY A 358 -26.73 -1.99 16.58
C GLY A 358 -25.32 -2.54 16.47
N PHE A 359 -24.39 -1.92 17.20
CA PHE A 359 -23.00 -2.36 17.24
C PHE A 359 -22.92 -3.15 18.55
N VAL A 360 -22.36 -4.35 18.48
CA VAL A 360 -22.31 -5.20 19.65
C VAL A 360 -20.96 -5.58 20.19
N VAL A 361 -20.84 -5.55 21.50
CA VAL A 361 -19.64 -5.98 22.18
C VAL A 361 -20.08 -6.88 23.35
N ASN A 362 -19.65 -8.13 23.33
CA ASN A 362 -19.95 -9.04 24.43
C ASN A 362 -18.62 -9.18 25.16
N PRO A 363 -18.49 -8.49 26.31
CA PRO A 363 -17.27 -8.50 27.13
C PRO A 363 -17.04 -9.75 27.94
N LYS A 364 -15.78 -10.13 28.06
CA LYS A 364 -15.39 -11.31 28.84
C LYS A 364 -15.09 -10.85 30.26
N THR A 365 -14.46 -9.69 30.37
CA THR A 365 -14.07 -9.10 31.65
C THR A 365 -14.51 -7.64 31.71
N VAL A 366 -15.15 -7.25 32.81
CA VAL A 366 -15.59 -5.88 32.97
C VAL A 366 -15.12 -5.29 34.29
N ASN A 367 -14.22 -4.31 34.21
CA ASN A 367 -13.70 -3.66 35.41
C ASN A 367 -14.63 -2.52 35.81
N GLN A 368 -14.37 -1.93 36.97
N GLN A 368 -14.37 -1.93 36.97
CA GLN A 368 -15.18 -0.82 37.46
CA GLN A 368 -15.18 -0.83 37.46
C GLN A 368 -14.96 0.39 36.56
C GLN A 368 -14.96 0.39 36.55
N ASN A 369 -16.04 1.12 36.28
CA ASN A 369 -15.99 2.30 35.43
C ASN A 369 -15.72 1.96 33.96
N ALA A 370 -16.17 0.79 33.53
CA ALA A 370 -15.97 0.37 32.14
C ALA A 370 -16.96 1.11 31.24
N ARG A 371 -16.54 1.35 30.01
CA ARG A 371 -17.40 2.02 29.06
C ARG A 371 -16.83 1.87 27.65
N LEU A 372 -17.70 2.06 26.67
CA LEU A 372 -17.31 2.02 25.28
C LEU A 372 -17.38 3.44 24.77
N LEU A 373 -16.29 3.91 24.18
CA LEU A 373 -16.26 5.25 23.59
C LEU A 373 -16.43 4.99 22.09
N MET A 374 -17.55 5.47 21.55
CA MET A 374 -17.88 5.26 20.15
C MET A 374 -17.50 6.44 19.28
N GLY A 375 -17.09 6.14 18.04
CA GLY A 375 -16.75 7.17 17.09
C GLY A 375 -17.43 6.81 15.77
N TYR A 376 -18.12 7.77 15.16
CA TYR A 376 -18.81 7.53 13.90
C TYR A 376 -18.45 8.47 12.76
N GLU A 377 -18.49 7.92 11.55
CA GLU A 377 -18.26 8.66 10.32
C GLU A 377 -19.60 8.49 9.61
N TYR A 378 -20.27 9.56 9.19
CA TYR A 378 -21.56 9.38 8.50
C TYR A 378 -21.92 10.50 7.55
N PHE A 379 -22.91 10.23 6.70
CA PHE A 379 -23.46 11.21 5.75
C PHE A 379 -24.90 11.42 6.20
N THR A 380 -25.40 12.63 6.03
CA THR A 380 -26.79 12.91 6.33
C THR A 380 -27.21 14.19 5.62
N SER A 381 -28.48 14.28 5.26
CA SER A 381 -29.01 15.44 4.55
C SER A 381 -29.10 16.66 5.46
N ARG A 382 -28.85 17.84 4.90
CA ARG A 382 -28.93 19.09 5.65
C ARG A 382 -30.40 19.28 6.03
N THR A 383 -31.29 18.79 5.18
CA THR A 383 -32.73 18.88 5.38
C THR A 383 -33.33 17.49 5.53
N GLN B 10 -22.14 -19.79 -38.35
CA GLN B 10 -21.12 -18.73 -38.67
C GLN B 10 -20.95 -17.78 -37.49
N GLN B 11 -21.47 -16.56 -37.64
CA GLN B 11 -21.36 -15.57 -36.59
C GLN B 11 -22.17 -16.02 -35.36
N ALA B 12 -23.32 -15.40 -35.14
CA ALA B 12 -24.18 -15.77 -34.01
C ALA B 12 -23.42 -15.70 -32.68
N ALA B 13 -22.15 -15.32 -32.74
CA ALA B 13 -21.32 -15.20 -31.54
C ALA B 13 -21.88 -14.07 -30.69
N LEU B 14 -22.90 -13.41 -31.23
CA LEU B 14 -23.57 -12.31 -30.55
C LEU B 14 -24.08 -12.82 -29.21
N ARG B 15 -24.43 -14.11 -29.18
CA ARG B 15 -24.94 -14.75 -27.96
C ARG B 15 -23.95 -14.54 -26.82
N ASN B 16 -22.68 -14.84 -27.07
CA ASN B 16 -21.65 -14.66 -26.06
C ASN B 16 -21.63 -13.23 -25.56
N GLN B 17 -21.53 -12.29 -26.49
CA GLN B 17 -21.50 -10.87 -26.18
C GLN B 17 -22.69 -10.49 -25.30
N GLN B 18 -23.87 -10.99 -25.65
CA GLN B 18 -25.07 -10.70 -24.89
C GLN B 18 -25.03 -11.40 -23.54
N ALA B 19 -24.51 -12.63 -23.53
CA ALA B 19 -24.41 -13.41 -22.30
C ALA B 19 -23.49 -12.71 -21.29
N MET B 20 -22.39 -12.18 -21.79
CA MET B 20 -21.43 -11.48 -20.94
C MET B 20 -22.08 -10.25 -20.31
N ALA B 21 -22.82 -9.51 -21.13
CA ALA B 21 -23.49 -8.30 -20.65
C ALA B 21 -24.55 -8.63 -19.61
N ALA B 22 -25.30 -9.69 -19.85
CA ALA B 22 -26.34 -10.11 -18.93
C ALA B 22 -25.68 -10.59 -17.63
N ASN B 23 -24.57 -11.30 -17.76
CA ASN B 23 -23.86 -11.79 -16.59
C ASN B 23 -23.37 -10.63 -15.73
N LEU B 24 -22.73 -9.65 -16.37
N LEU B 24 -22.74 -9.64 -16.36
CA LEU B 24 -22.20 -8.49 -15.67
CA LEU B 24 -22.23 -8.49 -15.65
C LEU B 24 -23.30 -7.65 -15.03
C LEU B 24 -23.35 -7.71 -14.97
N GLN B 25 -24.43 -7.52 -15.72
N GLN B 25 -24.42 -7.45 -15.72
CA GLN B 25 -25.55 -6.75 -15.19
CA GLN B 25 -25.57 -6.73 -15.18
C GLN B 25 -26.11 -7.39 -13.93
C GLN B 25 -26.12 -7.39 -13.92
N ALA B 26 -26.32 -8.70 -14.00
CA ALA B 26 -26.86 -9.46 -12.86
C ALA B 26 -25.87 -9.45 -11.70
N ARG B 27 -24.58 -9.55 -12.01
CA ARG B 27 -23.55 -9.53 -10.95
C ARG B 27 -23.70 -8.21 -10.18
N GLN B 28 -23.77 -7.11 -10.92
CA GLN B 28 -23.90 -5.79 -10.33
C GLN B 28 -25.15 -5.65 -9.49
N ILE B 29 -26.27 -6.16 -9.99
CA ILE B 29 -27.52 -6.10 -9.25
C ILE B 29 -27.41 -6.88 -7.95
N VAL B 30 -26.83 -8.07 -8.02
CA VAL B 30 -26.64 -8.92 -6.85
C VAL B 30 -25.78 -8.19 -5.83
N LEU B 31 -24.67 -7.60 -6.28
CA LEU B 31 -23.78 -6.88 -5.38
C LEU B 31 -24.48 -5.67 -4.76
N GLN B 32 -25.30 -4.99 -5.54
CA GLN B 32 -26.00 -3.82 -5.05
C GLN B 32 -27.15 -4.16 -4.10
N GLN B 33 -27.92 -5.20 -4.44
CA GLN B 33 -29.07 -5.58 -3.63
C GLN B 33 -28.87 -6.52 -2.44
N SER B 34 -27.96 -7.48 -2.54
CA SER B 34 -27.77 -8.41 -1.43
C SER B 34 -26.96 -7.76 -0.32
N TYR B 35 -26.85 -8.44 0.81
CA TYR B 35 -26.04 -7.89 1.89
C TYR B 35 -24.99 -8.94 2.29
N PRO B 36 -23.74 -8.51 2.44
CA PRO B 36 -22.68 -9.44 2.82
C PRO B 36 -22.73 -9.86 4.29
N VAL B 37 -22.48 -11.14 4.53
CA VAL B 37 -22.48 -11.71 5.86
C VAL B 37 -21.26 -12.61 6.05
N ILE B 38 -20.63 -12.55 7.22
CA ILE B 38 -19.52 -13.45 7.52
C ILE B 38 -19.96 -14.07 8.83
N GLN B 39 -20.08 -15.39 8.83
CA GLN B 39 -20.60 -16.11 9.98
C GLN B 39 -19.81 -17.36 10.35
N GLN B 40 -19.63 -17.59 11.63
CA GLN B 40 -18.91 -18.78 12.06
C GLN B 40 -19.73 -20.02 11.74
N VAL B 41 -19.08 -21.05 11.21
CA VAL B 41 -19.82 -22.27 10.92
C VAL B 41 -19.33 -23.43 11.78
N GLU B 42 -18.08 -23.39 12.22
CA GLU B 42 -17.58 -24.47 13.05
C GLU B 42 -16.27 -24.14 13.73
N THR B 43 -16.10 -24.65 14.95
N THR B 43 -16.09 -24.68 14.93
CA THR B 43 -14.88 -24.46 15.72
CA THR B 43 -14.85 -24.49 15.68
C THR B 43 -14.56 -25.76 16.46
C THR B 43 -14.57 -25.79 16.41
N GLN B 44 -13.30 -26.17 16.45
CA GLN B 44 -12.90 -27.41 17.13
C GLN B 44 -11.49 -27.32 17.64
N THR B 45 -11.24 -27.95 18.79
CA THR B 45 -9.90 -27.99 19.38
C THR B 45 -9.60 -29.47 19.41
N PHE B 46 -8.40 -29.85 19.00
CA PHE B 46 -8.06 -31.26 18.96
C PHE B 46 -6.59 -31.52 19.18
N ASP B 47 -6.26 -32.78 19.42
CA ASP B 47 -4.88 -33.19 19.62
C ASP B 47 -4.48 -33.87 18.32
N PRO B 48 -3.50 -33.31 17.60
CA PRO B 48 -3.06 -33.90 16.33
C PRO B 48 -2.63 -35.36 16.43
N ALA B 49 -2.25 -35.81 17.62
CA ALA B 49 -1.86 -37.21 17.80
C ALA B 49 -3.10 -38.11 17.58
N ASN B 50 -4.29 -37.58 17.86
CA ASN B 50 -5.52 -38.35 17.69
C ASN B 50 -6.10 -38.21 16.30
N ARG B 51 -6.07 -37.00 15.77
CA ARG B 51 -6.64 -36.76 14.45
C ARG B 51 -6.12 -35.47 13.86
N SER B 52 -6.05 -35.42 12.54
CA SER B 52 -5.57 -34.21 11.87
C SER B 52 -6.39 -33.88 10.62
N VAL B 53 -7.27 -34.78 10.19
CA VAL B 53 -8.10 -34.52 9.01
C VAL B 53 -9.55 -34.28 9.41
N PHE B 54 -10.11 -33.18 8.91
CA PHE B 54 -11.48 -32.81 9.22
C PHE B 54 -12.26 -32.47 7.96
N ASP B 55 -13.55 -32.76 7.97
CA ASP B 55 -14.41 -32.42 6.84
C ASP B 55 -15.47 -31.50 7.42
N VAL B 56 -15.44 -30.25 6.99
CA VAL B 56 -16.38 -29.26 7.49
C VAL B 56 -17.55 -29.12 6.53
N THR B 57 -18.76 -29.08 7.09
CA THR B 57 -19.96 -28.94 6.28
C THR B 57 -20.47 -27.51 6.48
N PRO B 58 -20.24 -26.65 5.49
CA PRO B 58 -20.71 -25.27 5.63
C PRO B 58 -22.23 -25.16 5.43
N ALA B 59 -22.77 -23.99 5.74
CA ALA B 59 -24.21 -23.76 5.62
C ALA B 59 -24.58 -23.50 4.16
N ASN B 60 -25.81 -23.88 3.79
CA ASN B 60 -26.26 -23.64 2.42
C ASN B 60 -27.13 -22.39 2.38
N VAL B 61 -26.51 -21.22 2.39
CA VAL B 61 -27.28 -19.97 2.35
C VAL B 61 -26.81 -18.97 1.29
N GLY B 62 -27.62 -18.78 0.26
CA GLY B 62 -27.28 -17.83 -0.78
C GLY B 62 -26.05 -18.12 -1.61
N ILE B 63 -25.34 -17.06 -1.97
CA ILE B 63 -24.13 -17.19 -2.78
C ILE B 63 -22.92 -17.14 -1.86
N VAL B 64 -22.14 -18.21 -1.88
CA VAL B 64 -20.95 -18.32 -1.04
C VAL B 64 -19.74 -17.74 -1.73
N LYS B 65 -19.04 -16.83 -1.05
CA LYS B 65 -17.86 -16.20 -1.63
C LYS B 65 -16.54 -16.82 -1.18
N GLY B 66 -16.50 -17.38 0.02
CA GLY B 66 -15.28 -18.00 0.50
C GLY B 66 -15.31 -18.30 1.97
N PHE B 67 -14.18 -18.78 2.51
CA PHE B 67 -14.09 -19.11 3.94
C PHE B 67 -12.83 -18.55 4.56
N LEU B 68 -12.97 -17.92 5.72
CA LEU B 68 -11.80 -17.41 6.43
C LEU B 68 -11.56 -18.47 7.50
N VAL B 69 -10.38 -19.09 7.50
CA VAL B 69 -10.07 -20.15 8.44
C VAL B 69 -9.02 -19.69 9.43
N LYS B 70 -9.42 -19.63 10.70
CA LYS B 70 -8.51 -19.25 11.79
C LYS B 70 -7.95 -20.53 12.40
N VAL B 71 -6.63 -20.59 12.55
CA VAL B 71 -5.97 -21.76 13.14
C VAL B 71 -5.03 -21.32 14.25
N THR B 72 -5.14 -21.91 15.43
CA THR B 72 -4.21 -21.57 16.50
C THR B 72 -3.59 -22.87 16.97
N ALA B 73 -2.41 -22.80 17.58
CA ALA B 73 -1.77 -24.01 18.07
C ALA B 73 -0.78 -23.69 19.18
N ALA B 74 -0.52 -24.70 20.02
CA ALA B 74 0.44 -24.59 21.10
C ALA B 74 1.40 -25.74 20.81
N ILE B 75 2.68 -25.43 20.73
CA ILE B 75 3.71 -26.41 20.43
C ILE B 75 4.74 -26.38 21.55
N THR B 76 5.04 -27.54 22.10
CA THR B 76 6.06 -27.61 23.15
C THR B 76 7.25 -28.36 22.62
N ASN B 77 8.43 -27.79 22.86
CA ASN B 77 9.68 -28.42 22.48
C ASN B 77 10.15 -29.11 23.76
N ASN B 78 9.96 -30.43 23.83
CA ASN B 78 10.36 -31.20 25.01
C ASN B 78 11.81 -31.63 25.00
N HIS B 79 12.59 -31.21 24.01
CA HIS B 79 13.97 -31.66 23.99
C HIS B 79 14.69 -31.16 25.24
N ALA B 80 15.61 -31.97 25.75
CA ALA B 80 16.34 -31.61 26.95
C ALA B 80 17.26 -30.41 26.74
N THR B 81 17.88 -30.32 25.56
CA THR B 81 18.83 -29.25 25.35
C THR B 81 18.76 -28.40 24.09
N GLU B 82 18.22 -28.96 23.00
CA GLU B 82 18.22 -28.24 21.72
C GLU B 82 16.92 -27.52 21.37
N ALA B 83 17.09 -26.39 20.69
CA ALA B 83 15.97 -25.55 20.24
C ALA B 83 15.55 -25.94 18.82
N VAL B 84 14.49 -25.29 18.35
CA VAL B 84 14.04 -25.41 16.96
C VAL B 84 13.70 -23.98 16.53
N ALA B 85 13.75 -23.74 15.22
CA ALA B 85 13.49 -22.42 14.67
C ALA B 85 12.48 -22.57 13.54
N LEU B 86 11.71 -21.51 13.30
CA LEU B 86 10.73 -21.53 12.22
C LEU B 86 11.38 -21.82 10.88
N THR B 87 10.68 -22.59 10.05
CA THR B 87 11.14 -22.85 8.69
C THR B 87 10.73 -21.58 7.90
N ASP B 88 11.05 -21.52 6.62
CA ASP B 88 10.69 -20.36 5.81
C ASP B 88 9.17 -20.17 5.74
N PHE B 89 8.41 -21.28 5.71
CA PHE B 89 6.96 -21.19 5.60
C PHE B 89 6.30 -21.10 6.98
N GLY B 90 6.94 -21.69 7.98
CA GLY B 90 6.42 -21.60 9.34
C GLY B 90 4.95 -21.90 9.56
N PRO B 91 4.22 -20.98 10.19
CA PRO B 91 2.79 -21.21 10.44
C PRO B 91 1.94 -21.43 9.21
N ALA B 92 2.45 -21.06 8.02
CA ALA B 92 1.65 -21.29 6.82
C ALA B 92 1.51 -22.80 6.59
N ASN B 93 2.33 -23.60 7.28
CA ASN B 93 2.22 -25.06 7.16
C ASN B 93 1.33 -25.71 8.24
N LEU B 94 0.56 -24.90 8.98
CA LEU B 94 -0.36 -25.42 10.00
C LEU B 94 -1.43 -26.22 9.27
N VAL B 95 -1.80 -25.77 8.07
CA VAL B 95 -2.74 -26.55 7.25
C VAL B 95 -1.87 -27.12 6.11
N GLN B 96 -1.88 -28.44 5.96
CA GLN B 96 -1.12 -29.12 4.92
C GLN B 96 -1.88 -29.10 3.60
N ARG B 97 -3.17 -29.39 3.63
N ARG B 97 -3.16 -29.46 3.67
CA ARG B 97 -3.93 -29.34 2.39
CA ARG B 97 -4.00 -29.51 2.48
C ARG B 97 -5.38 -28.97 2.62
C ARG B 97 -5.38 -28.92 2.70
N VAL B 98 -5.96 -28.26 1.65
N VAL B 98 -5.94 -28.33 1.64
CA VAL B 98 -7.35 -27.82 1.72
CA VAL B 98 -7.26 -27.73 1.67
C VAL B 98 -8.01 -28.18 0.41
C VAL B 98 -7.98 -28.08 0.38
N ILE B 99 -9.22 -28.73 0.49
N ILE B 99 -9.16 -28.67 0.51
CA ILE B 99 -9.95 -29.13 -0.70
CA ILE B 99 -9.95 -29.06 -0.65
C ILE B 99 -11.43 -28.76 -0.50
C ILE B 99 -11.41 -28.66 -0.46
N TYR B 100 -12.01 -28.09 -1.49
CA TYR B 100 -13.41 -27.70 -1.41
C TYR B 100 -14.25 -28.38 -2.51
N TYR B 101 -15.45 -28.79 -2.13
CA TYR B 101 -16.40 -29.40 -3.08
C TYR B 101 -17.70 -28.62 -2.95
N ASP B 102 -18.31 -28.26 -4.08
CA ASP B 102 -19.58 -27.52 -4.03
C ASP B 102 -20.75 -28.51 -3.90
N PRO B 103 -21.99 -28.00 -3.83
CA PRO B 103 -23.16 -28.90 -3.72
C PRO B 103 -23.30 -29.97 -4.80
N ASP B 104 -22.79 -29.70 -5.99
CA ASP B 104 -22.85 -30.67 -7.10
C ASP B 104 -21.67 -31.63 -7.02
N ASN B 105 -20.94 -31.55 -5.91
N ASN B 105 -20.93 -31.54 -5.92
CA ASN B 105 -19.78 -32.39 -5.66
CA ASN B 105 -19.76 -32.38 -5.67
C ASN B 105 -18.61 -32.12 -6.59
C ASN B 105 -18.61 -32.10 -6.64
N GLN B 106 -18.59 -30.94 -7.20
N GLN B 106 -18.57 -30.90 -7.18
CA GLN B 106 -17.50 -30.56 -8.08
CA GLN B 106 -17.50 -30.51 -8.09
C GLN B 106 -16.38 -29.96 -7.22
C GLN B 106 -16.38 -29.92 -7.25
N ARG B 107 -15.14 -30.34 -7.51
CA ARG B 107 -13.99 -29.85 -6.76
C ARG B 107 -13.59 -28.47 -7.27
N HIS B 108 -13.27 -27.56 -6.35
CA HIS B 108 -12.77 -26.25 -6.73
C HIS B 108 -11.30 -26.26 -6.26
N THR B 109 -10.94 -25.41 -5.31
CA THR B 109 -9.56 -25.41 -4.82
C THR B 109 -9.16 -26.75 -4.20
N GLU B 110 -7.94 -27.19 -4.50
CA GLU B 110 -7.37 -28.42 -3.98
C GLU B 110 -5.88 -28.13 -3.95
N THR B 111 -5.38 -27.62 -2.83
CA THR B 111 -3.97 -27.26 -2.80
C THR B 111 -3.36 -27.33 -1.41
N SER B 112 -2.09 -26.94 -1.30
N SER B 112 -2.09 -26.96 -1.29
CA SER B 112 -1.37 -26.95 -0.03
CA SER B 112 -1.41 -27.00 0.01
C SER B 112 -1.64 -25.66 0.75
C SER B 112 -1.63 -25.68 0.75
N GLY B 113 -1.50 -25.72 2.07
CA GLY B 113 -1.69 -24.51 2.85
C GLY B 113 -0.67 -23.44 2.43
N TRP B 114 0.58 -23.82 2.17
CA TRP B 114 1.54 -22.81 1.80
C TRP B 114 1.17 -22.14 0.48
N HIS B 115 0.65 -22.89 -0.49
CA HIS B 115 0.30 -22.26 -1.75
C HIS B 115 -0.88 -21.31 -1.56
N LEU B 116 -1.90 -21.76 -0.84
CA LEU B 116 -3.08 -20.93 -0.59
C LEU B 116 -2.64 -19.61 0.07
N HIS B 117 -1.76 -19.72 1.07
CA HIS B 117 -1.25 -18.54 1.75
C HIS B 117 -0.49 -17.59 0.80
N PHE B 118 0.36 -18.13 -0.08
CA PHE B 118 1.09 -17.23 -0.98
C PHE B 118 0.13 -16.52 -1.92
N VAL B 119 -0.94 -17.19 -2.32
CA VAL B 119 -1.93 -16.54 -3.19
C VAL B 119 -2.69 -15.47 -2.37
N ASN B 120 -2.97 -15.74 -1.09
CA ASN B 120 -3.65 -14.75 -0.26
C ASN B 120 -2.78 -13.48 -0.24
N THR B 121 -1.47 -13.67 -0.10
CA THR B 121 -0.52 -12.57 -0.10
C THR B 121 -0.52 -11.83 -1.45
N ALA B 122 -0.44 -12.60 -2.53
CA ALA B 122 -0.42 -12.00 -3.86
C ALA B 122 -1.66 -11.15 -4.10
N LYS B 123 -2.81 -11.64 -3.67
CA LYS B 123 -4.03 -10.88 -3.91
C LYS B 123 -4.21 -9.68 -3.00
N GLN B 124 -3.55 -9.70 -1.84
CA GLN B 124 -3.63 -8.55 -0.95
C GLN B 124 -2.65 -7.46 -1.41
N GLY B 125 -1.54 -7.87 -2.02
CA GLY B 125 -0.55 -6.91 -2.47
C GLY B 125 0.49 -6.67 -1.38
N ALA B 126 0.50 -7.55 -0.39
CA ALA B 126 1.44 -7.50 0.74
C ALA B 126 1.27 -8.79 1.56
N PRO B 127 2.26 -9.13 2.41
CA PRO B 127 2.15 -10.35 3.22
C PRO B 127 0.75 -10.37 3.85
N PHE B 128 0.03 -11.45 3.60
CA PHE B 128 -1.35 -11.57 4.07
C PHE B 128 -1.57 -11.26 5.55
N LEU B 129 -2.48 -10.32 5.82
CA LEU B 129 -2.84 -9.91 7.18
C LEU B 129 -1.66 -9.53 8.06
N SER B 130 -0.61 -9.01 7.44
CA SER B 130 0.56 -8.60 8.21
C SER B 130 0.37 -7.17 8.76
N SER B 131 1.22 -6.82 9.73
CA SER B 131 1.24 -5.49 10.31
C SER B 131 2.53 -4.82 9.84
N MET B 132 2.39 -3.76 9.07
N MET B 132 2.37 -3.74 9.08
CA MET B 132 3.57 -3.07 8.58
CA MET B 132 3.49 -2.95 8.50
C MET B 132 4.20 -2.33 9.74
C MET B 132 4.14 -2.05 9.55
N VAL B 133 5.47 -2.01 9.58
CA VAL B 133 6.20 -1.24 10.59
C VAL B 133 6.34 0.22 10.12
N THR B 134 6.02 1.19 10.98
CA THR B 134 6.18 2.59 10.59
C THR B 134 6.79 3.39 11.73
N ASP B 135 7.08 4.66 11.45
CA ASP B 135 7.65 5.56 12.47
C ASP B 135 6.55 6.20 13.33
N SER B 136 5.31 5.77 13.21
CA SER B 136 4.25 6.43 13.98
C SER B 136 4.42 6.32 15.49
N PRO B 137 4.34 7.46 16.21
CA PRO B 137 4.49 7.45 17.67
C PRO B 137 3.22 6.90 18.32
N ILE B 138 2.09 7.00 17.62
CA ILE B 138 0.80 6.47 18.10
C ILE B 138 0.99 4.96 18.09
N LYS B 139 0.51 4.27 19.11
CA LYS B 139 0.79 2.85 19.22
C LYS B 139 0.09 1.80 18.37
N TYR B 140 0.13 2.03 17.06
CA TYR B 140 -0.34 1.06 16.08
C TYR B 140 0.80 0.03 16.09
N GLY B 141 0.58 -1.11 15.47
CA GLY B 141 1.62 -2.10 15.38
C GLY B 141 1.05 -3.48 15.46
N ASP B 142 1.88 -4.44 15.88
CA ASP B 142 1.40 -5.80 16.05
C ASP B 142 0.81 -5.86 17.45
N VAL B 143 -0.44 -5.43 17.53
CA VAL B 143 -1.19 -5.38 18.77
C VAL B 143 -1.98 -6.65 19.02
N MET B 144 -2.57 -7.17 17.95
CA MET B 144 -3.46 -8.32 18.01
C MET B 144 -2.90 -9.66 17.56
N ASN B 145 -1.65 -9.69 17.10
CA ASN B 145 -1.00 -10.93 16.66
C ASN B 145 -1.89 -11.82 15.79
N VAL B 146 -2.44 -11.23 14.74
CA VAL B 146 -3.35 -11.94 13.84
C VAL B 146 -2.68 -13.17 13.20
N ILE B 147 -1.48 -13.00 12.65
CA ILE B 147 -0.70 -14.14 12.13
C ILE B 147 0.60 -14.02 12.90
N ASP B 148 0.89 -15.03 13.70
N ASP B 148 0.92 -15.02 13.70
CA ASP B 148 2.04 -14.96 14.60
CA ASP B 148 2.14 -14.95 14.48
C ASP B 148 2.64 -16.32 14.98
C ASP B 148 2.66 -16.32 14.86
N ALA B 149 3.96 -16.37 15.17
CA ALA B 149 4.63 -17.60 15.56
C ALA B 149 5.99 -17.22 16.09
N PRO B 150 6.39 -17.80 17.24
CA PRO B 150 7.71 -17.47 17.80
C PRO B 150 8.80 -17.90 16.82
N ALA B 151 9.82 -17.06 16.64
CA ALA B 151 10.90 -17.36 15.72
C ALA B 151 11.65 -18.64 16.13
N THR B 152 11.70 -18.89 17.44
CA THR B 152 12.36 -20.08 17.96
C THR B 152 11.57 -20.57 19.16
N ILE B 153 11.71 -21.87 19.46
CA ILE B 153 11.08 -22.44 20.65
C ILE B 153 12.25 -23.17 21.33
N ALA B 154 12.63 -22.66 22.49
CA ALA B 154 13.75 -23.22 23.23
C ALA B 154 13.41 -24.56 23.85
N ALA B 155 14.46 -25.26 24.27
CA ALA B 155 14.31 -26.56 24.93
C ALA B 155 13.44 -26.32 26.16
N GLY B 156 12.35 -27.09 26.29
CA GLY B 156 11.46 -26.94 27.42
C GLY B 156 10.37 -25.89 27.31
N ALA B 157 10.42 -25.06 26.25
CA ALA B 157 9.42 -24.00 26.09
C ALA B 157 8.22 -24.40 25.25
N THR B 158 7.15 -23.61 25.38
CA THR B 158 5.92 -23.82 24.61
C THR B 158 5.66 -22.53 23.83
N GLY B 159 5.43 -22.66 22.53
CA GLY B 159 5.15 -21.49 21.71
C GLY B 159 3.69 -21.50 21.25
N GLU B 160 3.11 -20.31 21.07
CA GLU B 160 1.71 -20.17 20.64
C GLU B 160 1.72 -19.57 19.24
N LEU B 161 0.93 -20.17 18.34
CA LEU B 161 0.85 -19.72 16.96
C LEU B 161 -0.57 -19.39 16.53
N THR B 162 -0.70 -18.47 15.59
CA THR B 162 -1.99 -18.12 15.02
C THR B 162 -1.75 -17.89 13.52
N MET B 163 -2.59 -18.46 12.66
CA MET B 163 -2.43 -18.14 11.22
C MET B 163 -3.85 -18.19 10.63
N TYR B 164 -4.03 -17.49 9.52
CA TYR B 164 -5.33 -17.41 8.87
C TYR B 164 -5.14 -17.73 7.40
N TYR B 165 -6.17 -18.34 6.81
CA TYR B 165 -6.17 -18.63 5.39
C TYR B 165 -7.53 -18.17 4.85
N TRP B 166 -7.55 -17.59 3.67
CA TRP B 166 -8.83 -17.27 3.03
C TRP B 166 -8.94 -18.28 1.88
N VAL B 167 -9.99 -19.12 1.92
CA VAL B 167 -10.20 -20.12 0.88
C VAL B 167 -11.22 -19.44 -0.03
N PRO B 168 -10.79 -19.01 -1.23
CA PRO B 168 -11.71 -18.33 -2.12
C PRO B 168 -12.60 -19.20 -3.01
N LEU B 169 -13.82 -18.74 -3.23
CA LEU B 169 -14.72 -19.38 -4.19
C LEU B 169 -14.82 -18.25 -5.23
N ALA B 170 -15.37 -17.11 -4.83
CA ALA B 170 -15.45 -15.95 -5.72
C ALA B 170 -14.02 -15.41 -5.88
N TYR B 171 -13.73 -14.83 -7.05
CA TYR B 171 -12.41 -14.27 -7.31
C TYR B 171 -12.08 -13.13 -6.35
N SER B 172 -13.06 -12.26 -6.09
CA SER B 172 -12.85 -11.13 -5.20
C SER B 172 -14.18 -10.67 -4.63
N GLU B 173 -14.17 -9.59 -3.87
N GLU B 173 -14.17 -9.59 -3.87
CA GLU B 173 -15.39 -9.06 -3.28
CA GLU B 173 -15.39 -9.06 -3.28
C GLU B 173 -16.28 -8.42 -4.34
C GLU B 173 -16.28 -8.42 -4.34
N THR B 174 -15.69 -8.01 -5.45
CA THR B 174 -16.44 -7.37 -6.54
C THR B 174 -16.59 -8.23 -7.81
N ASP B 175 -15.78 -9.28 -7.94
CA ASP B 175 -15.86 -10.17 -9.10
C ASP B 175 -16.32 -11.52 -8.58
N LEU B 176 -17.59 -11.84 -8.81
CA LEU B 176 -18.15 -13.09 -8.32
C LEU B 176 -17.85 -14.34 -9.16
N THR B 177 -16.94 -14.22 -10.13
CA THR B 177 -16.54 -15.37 -10.94
C THR B 177 -16.05 -16.44 -9.94
N GLY B 178 -16.58 -17.65 -10.01
CA GLY B 178 -16.13 -18.70 -9.11
C GLY B 178 -16.99 -18.89 -7.86
N ALA B 179 -17.89 -17.96 -7.59
CA ALA B 179 -18.77 -18.04 -6.42
C ALA B 179 -19.68 -19.26 -6.57
N VAL B 180 -20.25 -19.70 -5.45
CA VAL B 180 -21.11 -20.87 -5.42
C VAL B 180 -22.52 -20.62 -4.88
N LEU B 181 -23.52 -21.02 -5.65
CA LEU B 181 -24.90 -20.87 -5.23
C LEU B 181 -25.24 -22.11 -4.40
N ALA B 182 -25.45 -21.92 -3.09
CA ALA B 182 -25.75 -23.03 -2.20
C ALA B 182 -27.15 -22.93 -1.60
N ASN B 183 -28.15 -23.36 -2.35
CA ASN B 183 -29.53 -23.31 -1.87
C ASN B 183 -30.26 -24.65 -1.90
N VAL B 184 -29.62 -25.68 -2.46
CA VAL B 184 -30.23 -27.00 -2.52
C VAL B 184 -30.04 -27.76 -1.20
N PRO B 185 -31.11 -27.85 -0.38
CA PRO B 185 -31.07 -28.53 0.92
C PRO B 185 -30.54 -29.97 0.84
N GLN B 186 -30.64 -30.56 -0.35
CA GLN B 186 -30.19 -31.93 -0.58
C GLN B 186 -28.70 -32.17 -0.33
N SER B 187 -27.86 -31.68 -1.24
CA SER B 187 -26.42 -31.87 -1.16
C SER B 187 -25.65 -30.76 -0.47
N LYS B 188 -24.74 -31.17 0.42
CA LYS B 188 -23.93 -30.22 1.18
C LYS B 188 -22.60 -29.88 0.49
N GLN B 189 -22.05 -28.73 0.86
CA GLN B 189 -20.76 -28.35 0.34
C GLN B 189 -19.85 -29.14 1.29
N ARG B 190 -18.55 -29.14 1.03
CA ARG B 190 -17.61 -29.81 1.90
C ARG B 190 -16.29 -29.06 1.81
N LEU B 191 -15.74 -28.70 2.97
CA LEU B 191 -14.44 -28.03 3.04
C LEU B 191 -13.58 -28.98 3.84
N LYS B 192 -12.63 -29.63 3.17
CA LYS B 192 -11.76 -30.59 3.84
C LYS B 192 -10.46 -29.93 4.23
N LEU B 193 -10.06 -30.12 5.47
CA LEU B 193 -8.82 -29.56 5.96
C LEU B 193 -7.94 -30.67 6.50
N GLU B 194 -6.73 -30.79 5.96
CA GLU B 194 -5.77 -31.78 6.44
C GLU B 194 -4.72 -30.95 7.16
N PHE B 195 -4.73 -31.00 8.49
CA PHE B 195 -3.77 -30.23 9.29
C PHE B 195 -2.40 -30.86 9.49
N ALA B 196 -1.47 -30.03 9.94
CA ALA B 196 -0.14 -30.52 10.26
C ALA B 196 -0.32 -31.45 11.48
N ASN B 197 0.66 -32.30 11.74
CA ASN B 197 0.60 -33.15 12.93
C ASN B 197 2.04 -33.34 13.42
N ASN B 198 2.26 -34.24 14.37
CA ASN B 198 3.61 -34.39 14.89
C ASN B 198 4.61 -35.01 13.93
N ASN B 199 4.11 -35.51 12.80
CA ASN B 199 4.96 -36.11 11.77
C ASN B 199 5.30 -35.16 10.62
N THR B 200 4.55 -34.09 10.48
CA THR B 200 4.83 -33.13 9.39
C THR B 200 5.39 -31.81 9.87
N ALA B 201 5.04 -31.41 11.09
CA ALA B 201 5.43 -30.08 11.59
C ALA B 201 6.86 -29.83 12.02
N PHE B 202 7.58 -30.91 12.32
CA PHE B 202 8.91 -30.79 12.85
C PHE B 202 9.98 -31.50 12.06
N ALA B 203 10.93 -30.74 11.52
CA ALA B 203 11.99 -31.31 10.71
C ALA B 203 13.32 -31.34 11.44
N ALA B 204 14.00 -32.48 11.35
CA ALA B 204 15.30 -32.63 11.98
C ALA B 204 16.30 -31.84 11.13
N VAL B 205 17.45 -31.53 11.73
CA VAL B 205 18.50 -30.83 11.00
C VAL B 205 18.84 -31.68 9.76
N GLY B 206 18.98 -31.05 8.61
CA GLY B 206 19.30 -31.83 7.43
C GLY B 206 18.13 -32.46 6.69
N ALA B 207 16.94 -32.48 7.30
CA ALA B 207 15.77 -33.03 6.62
C ALA B 207 15.14 -31.89 5.81
N ASN B 208 14.26 -32.23 4.88
CA ASN B 208 13.60 -31.23 4.04
C ASN B 208 12.59 -30.42 4.85
N PRO B 209 12.77 -29.09 4.94
CA PRO B 209 11.83 -28.26 5.72
C PRO B 209 10.57 -27.79 5.00
N LEU B 210 10.44 -28.13 3.73
CA LEU B 210 9.29 -27.69 2.94
C LEU B 210 7.91 -27.64 3.60
N GLU B 211 7.49 -28.76 4.17
N GLU B 211 7.49 -28.76 4.17
CA GLU B 211 6.17 -28.87 4.79
CA GLU B 211 6.18 -28.90 4.78
C GLU B 211 6.15 -28.68 6.29
C GLU B 211 6.15 -28.69 6.29
N ALA B 212 7.31 -28.46 6.89
CA ALA B 212 7.39 -28.29 8.33
C ALA B 212 7.19 -26.85 8.82
N ILE B 213 6.92 -26.73 10.12
CA ILE B 213 6.70 -25.43 10.76
C ILE B 213 7.98 -24.98 11.46
N TYR B 214 8.62 -25.94 12.14
CA TYR B 214 9.87 -25.71 12.87
C TYR B 214 10.90 -26.76 12.47
N GLN B 215 12.17 -26.36 12.49
CA GLN B 215 13.28 -27.26 12.17
C GLN B 215 14.43 -26.97 13.13
N GLY B 216 15.13 -28.03 13.55
CA GLY B 216 16.24 -27.79 14.46
C GLY B 216 16.63 -29.06 15.19
N ALA B 217 17.68 -28.96 16.00
CA ALA B 217 18.18 -30.11 16.73
C ALA B 217 17.24 -30.68 17.78
N GLY B 218 16.22 -29.92 18.18
CA GLY B 218 15.28 -30.45 19.15
C GLY B 218 14.00 -30.98 18.52
N ALA B 219 13.94 -31.02 17.19
CA ALA B 219 12.71 -31.43 16.49
C ALA B 219 12.05 -32.75 16.90
N ALA B 220 12.85 -33.81 17.10
CA ALA B 220 12.29 -35.11 17.45
C ALA B 220 11.43 -35.10 18.72
N ASP B 221 11.71 -34.15 19.61
CA ASP B 221 10.96 -34.05 20.85
C ASP B 221 9.89 -32.97 20.86
N CYS B 222 9.63 -32.34 19.71
CA CYS B 222 8.58 -31.33 19.67
C CYS B 222 7.24 -32.03 19.48
N GLU B 223 6.18 -31.42 20.01
CA GLU B 223 4.86 -31.99 19.87
C GLU B 223 3.81 -30.88 20.00
N PHE B 224 2.66 -31.09 19.37
CA PHE B 224 1.57 -30.15 19.51
C PHE B 224 0.87 -30.47 20.82
N GLU B 225 0.48 -29.44 21.57
CA GLU B 225 -0.30 -29.65 22.77
C GLU B 225 -1.72 -29.70 22.25
N GLU B 226 -2.01 -28.85 21.26
N GLU B 226 -2.00 -28.87 21.25
CA GLU B 226 -3.33 -28.78 20.66
CA GLU B 226 -3.31 -28.82 20.62
C GLU B 226 -3.33 -27.88 19.44
C GLU B 226 -3.34 -27.88 19.45
N ILE B 227 -4.37 -28.04 18.62
CA ILE B 227 -4.56 -27.18 17.46
C ILE B 227 -6.05 -26.88 17.56
N SER B 228 -6.41 -25.66 17.19
N SER B 228 -6.42 -25.66 17.16
CA SER B 228 -7.81 -25.25 17.19
CA SER B 228 -7.81 -25.30 17.16
C SER B 228 -8.08 -24.53 15.87
C SER B 228 -8.07 -24.56 15.87
N TYR B 229 -9.28 -24.70 15.33
CA TYR B 229 -9.63 -24.00 14.11
C TYR B 229 -11.05 -23.48 14.24
N THR B 230 -11.33 -22.40 13.51
CA THR B 230 -12.65 -21.83 13.44
C THR B 230 -12.81 -21.44 11.98
N VAL B 231 -13.89 -21.95 11.38
CA VAL B 231 -14.20 -21.63 10.00
C VAL B 231 -15.32 -20.58 9.94
N TYR B 232 -15.06 -19.48 9.27
CA TYR B 232 -16.05 -18.43 9.08
C TYR B 232 -16.42 -18.48 7.60
N GLN B 233 -17.72 -18.45 7.32
CA GLN B 233 -18.20 -18.50 5.95
C GLN B 233 -18.69 -17.13 5.51
N SER B 234 -18.21 -16.66 4.36
CA SER B 234 -18.60 -15.36 3.82
C SER B 234 -19.56 -15.60 2.67
N TYR B 235 -20.72 -14.94 2.71
CA TYR B 235 -21.71 -15.13 1.67
C TYR B 235 -22.60 -13.90 1.48
N LEU B 236 -23.44 -13.96 0.47
CA LEU B 236 -24.39 -12.88 0.18
C LEU B 236 -25.78 -13.43 0.44
N ASP B 237 -26.54 -12.75 1.28
N ASP B 237 -26.56 -12.77 1.29
CA ASP B 237 -27.88 -13.15 1.64
CA ASP B 237 -27.91 -13.22 1.56
C ASP B 237 -28.92 -12.17 1.07
C ASP B 237 -28.91 -12.22 1.00
N GLN B 238 -30.19 -12.54 1.13
CA GLN B 238 -31.26 -11.69 0.62
C GLN B 238 -30.99 -11.34 -0.84
N LEU B 239 -30.83 -12.37 -1.65
CA LEU B 239 -30.55 -12.20 -3.08
C LEU B 239 -31.73 -11.53 -3.77
N PRO B 240 -31.43 -10.62 -4.72
CA PRO B 240 -32.47 -9.89 -5.47
C PRO B 240 -33.29 -10.78 -6.40
N VAL B 241 -34.59 -10.49 -6.46
CA VAL B 241 -35.51 -11.26 -7.30
C VAL B 241 -36.10 -10.37 -8.40
N GLY B 242 -36.54 -11.00 -9.48
CA GLY B 242 -37.13 -10.26 -10.58
C GLY B 242 -38.28 -11.02 -11.21
N GLN B 243 -38.70 -10.57 -12.39
CA GLN B 243 -39.81 -11.19 -13.11
C GLN B 243 -39.54 -12.67 -13.37
N ASN B 244 -38.29 -12.98 -13.70
CA ASN B 244 -37.89 -14.36 -13.98
C ASN B 244 -37.33 -15.05 -12.75
N GLY B 245 -37.62 -14.50 -11.57
CA GLY B 245 -37.12 -15.09 -10.34
C GLY B 245 -35.84 -14.41 -9.88
N TYR B 246 -34.94 -15.18 -9.28
CA TYR B 246 -33.68 -14.63 -8.80
C TYR B 246 -32.75 -14.15 -9.91
N ILE B 247 -32.26 -12.93 -9.76
CA ILE B 247 -31.34 -12.33 -10.72
C ILE B 247 -29.96 -12.90 -10.36
N LEU B 248 -29.35 -13.65 -11.27
CA LEU B 248 -28.05 -14.26 -10.99
C LEU B 248 -27.07 -14.28 -12.16
N PRO B 249 -25.79 -13.96 -11.89
CA PRO B 249 -24.78 -13.95 -12.96
C PRO B 249 -24.49 -15.41 -13.26
N LEU B 250 -25.09 -15.93 -14.32
CA LEU B 250 -24.95 -17.34 -14.69
C LEU B 250 -23.54 -17.77 -15.10
N ILE B 251 -22.76 -16.87 -15.69
CA ILE B 251 -21.41 -17.25 -16.09
C ILE B 251 -20.53 -17.31 -14.83
N ASP B 252 -20.67 -16.32 -13.95
CA ASP B 252 -19.91 -16.27 -12.70
C ASP B 252 -20.11 -17.56 -11.92
N LEU B 253 -21.38 -17.95 -11.77
CA LEU B 253 -21.76 -19.13 -11.00
C LEU B 253 -21.53 -20.46 -11.69
N SER B 254 -21.15 -20.42 -12.97
N SER B 254 -21.15 -20.41 -12.97
CA SER B 254 -20.88 -21.65 -13.71
CA SER B 254 -20.89 -21.61 -13.75
C SER B 254 -19.40 -21.74 -14.03
C SER B 254 -19.40 -21.73 -14.05
N THR B 255 -18.61 -20.85 -13.44
CA THR B 255 -17.16 -20.85 -13.66
C THR B 255 -16.47 -21.24 -12.36
N LEU B 256 -15.41 -22.05 -12.47
CA LEU B 256 -14.65 -22.45 -11.31
C LEU B 256 -13.42 -21.58 -11.17
N TYR B 257 -13.18 -21.04 -9.98
CA TYR B 257 -11.98 -20.26 -9.70
C TYR B 257 -11.28 -21.16 -8.68
N ASN B 258 -10.20 -21.79 -9.14
CA ASN B 258 -9.47 -22.78 -8.33
C ASN B 258 -7.97 -22.54 -8.17
N LEU B 259 -7.43 -23.05 -7.05
CA LEU B 259 -6.00 -23.06 -6.81
C LEU B 259 -5.66 -24.55 -6.75
N GLU B 260 -4.57 -24.93 -7.40
CA GLU B 260 -4.09 -26.30 -7.42
C GLU B 260 -2.58 -26.29 -7.46
N ASN B 261 -1.97 -27.36 -6.95
CA ASN B 261 -0.53 -27.44 -6.95
C ASN B 261 -0.10 -28.79 -7.53
N SER B 262 1.15 -28.89 -7.95
CA SER B 262 1.68 -30.13 -8.50
C SER B 262 3.17 -30.15 -8.25
N ALA B 263 3.79 -31.26 -8.60
CA ALA B 263 5.23 -31.44 -8.43
C ALA B 263 5.81 -32.06 -9.69
N GLN B 264 6.99 -31.59 -10.09
CA GLN B 264 7.68 -32.14 -11.26
C GLN B 264 9.17 -32.25 -10.97
N ALA B 265 9.79 -33.29 -11.51
CA ALA B 265 11.21 -33.51 -11.30
C ALA B 265 11.88 -33.76 -12.65
N GLY B 266 13.20 -33.87 -12.64
CA GLY B 266 13.94 -34.12 -13.88
C GLY B 266 14.76 -32.93 -14.32
N LEU B 267 15.22 -32.12 -13.37
CA LEU B 267 16.03 -30.95 -13.70
C LEU B 267 17.49 -31.34 -13.87
N THR B 268 18.19 -30.63 -14.76
N THR B 268 18.17 -30.61 -14.75
CA THR B 268 19.62 -30.87 -14.97
CA THR B 268 19.59 -30.83 -15.04
C THR B 268 20.28 -29.52 -15.19
C THR B 268 20.28 -29.48 -15.21
N PRO B 269 21.48 -29.32 -14.62
CA PRO B 269 22.19 -28.04 -14.74
C PRO B 269 22.25 -27.48 -16.16
N ASN B 270 21.93 -26.19 -16.26
CA ASN B 270 21.97 -25.44 -17.51
C ASN B 270 21.04 -25.87 -18.63
N VAL B 271 20.07 -26.72 -18.31
CA VAL B 271 19.11 -27.17 -19.31
C VAL B 271 17.72 -26.63 -18.96
N ASP B 272 16.99 -26.14 -19.95
CA ASP B 272 15.66 -25.62 -19.68
C ASP B 272 14.71 -26.70 -19.17
N PHE B 273 14.13 -26.47 -17.99
CA PHE B 273 13.16 -27.39 -17.41
C PHE B 273 11.83 -26.71 -17.69
N VAL B 274 10.97 -27.35 -18.47
CA VAL B 274 9.70 -26.76 -18.88
C VAL B 274 8.45 -27.44 -18.33
N VAL B 275 7.59 -26.66 -17.70
CA VAL B 275 6.34 -27.21 -17.17
C VAL B 275 5.20 -26.64 -18.00
N GLN B 276 4.57 -27.50 -18.79
CA GLN B 276 3.47 -27.08 -19.66
C GLN B 276 2.21 -26.70 -18.93
N TYR B 277 1.53 -25.67 -19.44
CA TYR B 277 0.25 -25.24 -18.89
C TYR B 277 -0.76 -26.11 -19.67
N ALA B 278 -1.78 -26.60 -18.99
CA ALA B 278 -2.80 -27.43 -19.65
C ALA B 278 -3.72 -26.52 -20.47
N ASN B 279 -4.46 -27.10 -21.40
CA ASN B 279 -5.38 -26.29 -22.19
C ASN B 279 -6.70 -26.13 -21.45
N LEU B 280 -7.53 -25.22 -21.94
CA LEU B 280 -8.84 -24.92 -21.35
C LEU B 280 -8.77 -24.03 -20.11
N TYR B 281 -7.79 -24.22 -19.25
CA TYR B 281 -7.69 -23.38 -18.04
C TYR B 281 -7.12 -22.00 -18.37
N ARG B 282 -7.62 -20.98 -17.69
CA ARG B 282 -7.13 -19.62 -17.88
C ARG B 282 -6.32 -19.33 -16.61
N TYR B 283 -5.00 -19.42 -16.72
CA TYR B 283 -4.12 -19.23 -15.58
C TYR B 283 -3.83 -17.79 -15.22
N LEU B 284 -4.30 -17.39 -14.04
CA LEU B 284 -4.14 -16.04 -13.50
C LEU B 284 -2.77 -15.81 -12.85
N SER B 285 -2.25 -16.82 -12.15
CA SER B 285 -0.94 -16.67 -11.54
C SER B 285 -0.26 -18.01 -11.44
N THR B 286 1.06 -17.97 -11.37
CA THR B 286 1.85 -19.16 -11.25
C THR B 286 2.90 -18.97 -10.18
N ILE B 287 3.08 -19.98 -9.34
N ILE B 287 3.05 -19.99 -9.33
CA ILE B 287 4.09 -19.96 -8.32
CA ILE B 287 4.05 -20.00 -8.27
C ILE B 287 4.92 -21.20 -8.54
C ILE B 287 4.93 -21.21 -8.56
N ALA B 288 6.24 -21.04 -8.48
CA ALA B 288 7.17 -22.14 -8.68
C ALA B 288 8.12 -22.14 -7.50
N VAL B 289 8.17 -23.26 -6.79
CA VAL B 289 9.07 -23.38 -5.65
C VAL B 289 10.17 -24.36 -6.04
N PHE B 290 11.41 -23.91 -5.99
CA PHE B 290 12.53 -24.78 -6.34
C PHE B 290 13.03 -25.47 -5.09
N ASP B 291 12.46 -26.65 -4.81
CA ASP B 291 12.89 -27.45 -3.68
C ASP B 291 14.13 -28.19 -4.20
N ASN B 292 15.30 -27.59 -4.01
CA ASN B 292 16.54 -28.15 -4.51
C ASN B 292 17.07 -29.20 -3.54
N GLY B 293 16.39 -30.33 -3.50
CA GLY B 293 16.77 -31.42 -2.60
C GLY B 293 16.74 -31.01 -1.14
N GLY B 294 15.75 -30.22 -0.75
CA GLY B 294 15.66 -29.80 0.64
C GLY B 294 16.34 -28.47 0.93
N SER B 295 17.08 -27.96 -0.05
CA SER B 295 17.76 -26.65 0.09
C SER B 295 16.91 -25.65 -0.65
N PHE B 296 16.70 -24.49 -0.04
CA PHE B 296 15.92 -23.41 -0.65
C PHE B 296 16.87 -22.22 -0.70
N ASN B 297 17.23 -21.83 -1.92
CA ASN B 297 18.18 -20.75 -2.16
C ASN B 297 17.57 -19.49 -2.75
N ALA B 298 18.19 -18.36 -2.44
CA ALA B 298 17.75 -17.06 -2.90
C ALA B 298 18.23 -16.80 -4.33
N GLY B 299 17.68 -17.54 -5.28
CA GLY B 299 18.02 -17.36 -6.68
C GLY B 299 19.38 -17.84 -7.18
N THR B 300 20.33 -18.06 -6.27
CA THR B 300 21.68 -18.46 -6.64
C THR B 300 21.84 -19.81 -7.33
N ASP B 301 20.81 -20.66 -7.29
CA ASP B 301 20.87 -21.94 -7.97
C ASP B 301 20.10 -21.90 -9.29
N ILE B 302 19.77 -20.71 -9.77
CA ILE B 302 19.02 -20.57 -11.02
C ILE B 302 19.68 -19.60 -12.02
N ASN B 303 19.70 -19.98 -13.30
CA ASN B 303 20.26 -19.11 -14.32
C ASN B 303 19.20 -18.08 -14.68
N TYR B 304 18.00 -18.57 -14.99
CA TYR B 304 16.89 -17.69 -15.33
C TYR B 304 15.56 -18.43 -15.27
N LEU B 305 14.47 -17.67 -15.28
CA LEU B 305 13.12 -18.21 -15.29
C LEU B 305 12.44 -17.53 -16.47
N SER B 306 11.39 -18.15 -17.00
CA SER B 306 10.68 -17.55 -18.11
C SER B 306 9.30 -18.18 -18.30
N GLN B 307 8.54 -17.56 -19.21
CA GLN B 307 7.23 -18.08 -19.64
C GLN B 307 7.48 -18.10 -21.15
N ARG B 308 7.15 -19.22 -21.79
CA ARG B 308 7.45 -19.37 -23.20
C ARG B 308 6.32 -20.01 -24.00
N THR B 309 6.13 -19.52 -25.23
CA THR B 309 5.10 -20.05 -26.11
C THR B 309 5.72 -20.93 -27.19
N ALA B 310 4.90 -21.77 -27.81
CA ALA B 310 5.38 -22.63 -28.89
C ALA B 310 5.83 -21.67 -29.99
N ASN B 311 7.12 -21.39 -30.03
CA ASN B 311 7.72 -20.48 -31.00
C ASN B 311 9.07 -20.01 -30.46
N PHE B 312 9.51 -20.66 -29.38
CA PHE B 312 10.79 -20.33 -28.74
C PHE B 312 10.76 -18.90 -28.21
N SER B 313 9.60 -18.26 -28.30
CA SER B 313 9.45 -16.89 -27.84
C SER B 313 9.15 -16.76 -26.35
N ASP B 314 10.12 -16.19 -25.63
CA ASP B 314 9.98 -15.95 -24.20
C ASP B 314 9.35 -14.57 -24.08
N THR B 315 8.39 -14.41 -23.17
CA THR B 315 7.75 -13.13 -22.98
C THR B 315 8.38 -12.41 -21.79
N ARG B 316 9.12 -13.15 -20.99
CA ARG B 316 9.79 -12.57 -19.84
C ARG B 316 10.88 -13.47 -19.29
N LYS B 317 11.89 -13.72 -20.11
CA LYS B 317 13.03 -14.55 -19.70
C LYS B 317 13.91 -13.63 -18.87
N LEU B 318 13.95 -13.85 -17.56
CA LEU B 318 14.70 -12.98 -16.65
C LEU B 318 15.63 -13.68 -15.67
N ASP B 319 16.69 -12.98 -15.27
CA ASP B 319 17.62 -13.51 -14.28
C ASP B 319 16.80 -13.48 -12.99
N PRO B 320 17.17 -14.30 -11.98
CA PRO B 320 16.39 -14.32 -10.73
C PRO B 320 16.13 -12.99 -10.02
N LYS B 321 17.12 -12.10 -9.94
N LYS B 321 17.13 -12.12 -9.98
CA LYS B 321 16.88 -10.84 -9.24
CA LYS B 321 16.94 -10.84 -9.29
C LYS B 321 15.90 -9.95 -10.01
C LYS B 321 15.94 -9.95 -10.00
N THR B 322 15.96 -9.96 -11.33
CA THR B 322 15.06 -9.14 -12.11
C THR B 322 13.64 -9.72 -12.04
N TRP B 323 13.55 -11.04 -11.97
CA TRP B 323 12.25 -11.69 -11.80
C TRP B 323 11.71 -11.25 -10.43
N ALA B 324 12.57 -11.29 -9.43
CA ALA B 324 12.18 -10.89 -8.08
C ALA B 324 11.74 -9.42 -8.04
N ALA B 325 12.38 -8.58 -8.85
CA ALA B 325 12.01 -7.17 -8.91
C ALA B 325 10.55 -7.03 -9.34
N GLN B 326 10.13 -7.82 -10.33
CA GLN B 326 8.75 -7.72 -10.79
C GLN B 326 7.79 -8.10 -9.66
N THR B 327 8.17 -9.10 -8.87
CA THR B 327 7.35 -9.54 -7.74
C THR B 327 7.31 -8.47 -6.64
N ARG B 328 8.42 -7.77 -6.42
CA ARG B 328 8.39 -6.69 -5.41
C ARG B 328 7.37 -5.63 -5.78
N ARG B 329 7.08 -5.47 -7.07
CA ARG B 329 6.08 -4.48 -7.52
C ARG B 329 4.68 -4.97 -7.20
N ARG B 330 4.53 -6.27 -7.00
CA ARG B 330 3.22 -6.88 -6.73
C ARG B 330 2.88 -7.07 -5.25
N ILE B 331 3.87 -7.46 -4.43
CA ILE B 331 3.60 -7.70 -3.02
C ILE B 331 4.46 -6.89 -2.06
N ALA B 332 5.20 -5.92 -2.61
CA ALA B 332 6.04 -5.00 -1.83
C ALA B 332 7.18 -5.62 -1.03
N THR B 333 7.58 -6.84 -1.38
CA THR B 333 8.66 -7.53 -0.69
C THR B 333 8.92 -8.79 -1.51
N ASP B 334 9.82 -9.65 -1.06
CA ASP B 334 10.09 -10.92 -1.78
C ASP B 334 9.36 -12.06 -1.10
N PHE B 335 9.00 -13.08 -1.87
CA PHE B 335 8.44 -14.31 -1.30
C PHE B 335 9.67 -15.00 -0.67
N PRO B 336 9.46 -16.02 0.19
CA PRO B 336 10.58 -16.72 0.82
C PRO B 336 11.57 -17.36 -0.18
N LYS B 337 12.75 -17.71 0.31
CA LYS B 337 13.79 -18.31 -0.53
C LYS B 337 13.28 -19.45 -1.38
N GLY B 338 13.61 -19.38 -2.67
CA GLY B 338 13.20 -20.44 -3.59
C GLY B 338 11.77 -20.40 -4.07
N VAL B 339 11.02 -19.37 -3.66
CA VAL B 339 9.63 -19.24 -4.08
C VAL B 339 9.53 -18.14 -5.15
N TYR B 340 9.06 -18.48 -6.34
CA TYR B 340 8.98 -17.49 -7.43
C TYR B 340 7.54 -17.34 -7.90
N TYR B 341 7.15 -16.10 -8.14
CA TYR B 341 5.79 -15.74 -8.49
C TYR B 341 5.68 -15.10 -9.85
N CYS B 342 4.56 -15.36 -10.53
CA CYS B 342 4.32 -14.79 -11.84
C CYS B 342 2.85 -14.35 -11.94
N ASP B 343 2.62 -13.05 -12.17
CA ASP B 343 1.27 -12.49 -12.29
C ASP B 343 0.82 -12.44 -13.77
N ASN B 344 -0.27 -13.12 -14.11
CA ASN B 344 -0.82 -13.10 -15.47
C ASN B 344 -2.31 -12.77 -15.37
N ARG B 345 -2.68 -11.97 -14.38
CA ARG B 345 -4.08 -11.62 -14.14
C ARG B 345 -4.81 -10.85 -15.24
N ASP B 346 -4.13 -9.88 -15.83
CA ASP B 346 -4.77 -9.08 -16.89
C ASP B 346 -4.87 -9.83 -18.21
N LYS B 347 -3.92 -10.73 -18.46
CA LYS B 347 -3.90 -11.54 -19.69
C LYS B 347 -3.56 -12.97 -19.28
N PRO B 348 -4.55 -13.71 -18.77
CA PRO B 348 -4.36 -15.08 -18.32
C PRO B 348 -3.78 -15.99 -19.37
N ILE B 349 -2.91 -16.91 -18.95
CA ILE B 349 -2.32 -17.86 -19.88
C ILE B 349 -3.48 -18.78 -20.30
N TYR B 350 -3.70 -18.86 -21.61
CA TYR B 350 -4.79 -19.67 -22.16
C TYR B 350 -4.22 -20.28 -23.46
N THR B 351 -3.96 -21.58 -23.43
CA THR B 351 -3.36 -22.26 -24.60
C THR B 351 -4.16 -22.20 -25.88
N LEU B 352 -5.35 -21.63 -25.83
CA LEU B 352 -6.16 -21.51 -27.04
C LEU B 352 -5.79 -20.19 -27.71
N GLN B 353 -5.43 -19.20 -26.90
CA GLN B 353 -5.06 -17.86 -27.38
C GLN B 353 -3.81 -17.94 -28.24
N TYR B 354 -2.86 -18.79 -27.82
CA TYR B 354 -1.63 -19.00 -28.56
C TYR B 354 -1.33 -20.50 -28.48
N GLY B 355 -0.16 -20.92 -28.95
CA GLY B 355 0.17 -22.33 -28.89
C GLY B 355 0.23 -22.81 -27.45
N ASN B 356 0.89 -23.94 -27.21
CA ASN B 356 1.01 -24.40 -25.85
C ASN B 356 1.95 -23.40 -25.21
N VAL B 357 1.90 -23.29 -23.90
CA VAL B 357 2.75 -22.36 -23.18
C VAL B 357 3.35 -23.13 -22.03
N GLY B 358 4.55 -22.75 -21.63
CA GLY B 358 5.17 -23.44 -20.52
C GLY B 358 5.88 -22.46 -19.60
N PHE B 359 6.08 -22.89 -18.35
CA PHE B 359 6.79 -22.09 -17.38
C PHE B 359 8.18 -22.72 -17.38
N VAL B 360 9.20 -21.87 -17.47
CA VAL B 360 10.56 -22.35 -17.57
C VAL B 360 11.51 -21.98 -16.44
N VAL B 361 12.29 -22.95 -16.00
CA VAL B 361 13.34 -22.71 -15.04
C VAL B 361 14.59 -23.38 -15.60
N ASN B 362 15.67 -22.61 -15.74
CA ASN B 362 16.94 -23.17 -16.20
C ASN B 362 17.83 -23.07 -14.97
N PRO B 363 18.01 -24.18 -14.25
CA PRO B 363 18.83 -24.25 -13.03
C PRO B 363 20.32 -24.21 -13.26
N LYS B 364 21.02 -23.59 -12.31
N LYS B 364 21.02 -23.59 -12.31
CA LYS B 364 22.48 -23.48 -12.37
CA LYS B 364 22.48 -23.47 -12.36
C LYS B 364 23.06 -24.66 -11.60
C LYS B 364 23.05 -24.67 -11.61
N THR B 365 22.41 -25.01 -10.50
CA THR B 365 22.84 -26.12 -9.65
C THR B 365 21.64 -27.00 -9.34
N VAL B 366 21.83 -28.31 -9.39
CA VAL B 366 20.76 -29.25 -9.12
C VAL B 366 21.22 -30.33 -8.14
N ASN B 367 20.66 -30.32 -6.93
CA ASN B 367 21.00 -31.30 -5.91
C ASN B 367 20.16 -32.55 -6.12
N GLN B 368 20.49 -33.63 -5.42
N GLN B 368 20.49 -33.63 -5.41
CA GLN B 368 19.72 -34.85 -5.56
CA GLN B 368 19.73 -34.86 -5.52
C GLN B 368 18.32 -34.63 -5.01
C GLN B 368 18.31 -34.63 -5.00
N ASN B 369 17.33 -35.25 -5.65
CA ASN B 369 15.93 -35.11 -5.26
C ASN B 369 15.41 -33.69 -5.46
N ALA B 370 15.92 -33.01 -6.47
CA ALA B 370 15.46 -31.66 -6.77
C ALA B 370 14.10 -31.76 -7.46
N ARG B 371 13.26 -30.75 -7.25
CA ARG B 371 11.97 -30.75 -7.92
C ARG B 371 11.39 -29.36 -7.88
N LEU B 372 10.45 -29.10 -8.78
CA LEU B 372 9.75 -27.82 -8.83
C LEU B 372 8.35 -28.08 -8.36
N LEU B 373 7.91 -27.31 -7.37
CA LEU B 373 6.56 -27.45 -6.86
C LEU B 373 5.82 -26.27 -7.48
N MET B 374 4.78 -26.57 -8.26
CA MET B 374 4.03 -25.52 -8.94
C MET B 374 2.67 -25.26 -8.30
N GLY B 375 2.33 -23.99 -8.20
CA GLY B 375 1.04 -23.61 -7.66
C GLY B 375 0.35 -22.75 -8.70
N TYR B 376 -0.91 -23.06 -9.01
CA TYR B 376 -1.64 -22.29 -10.01
C TYR B 376 -2.96 -21.76 -9.51
N GLU B 377 -3.33 -20.60 -10.05
CA GLU B 377 -4.58 -19.94 -9.77
C GLU B 377 -5.23 -19.91 -11.16
N TYR B 378 -6.46 -20.40 -11.31
CA TYR B 378 -7.06 -20.40 -12.64
C TYR B 378 -8.58 -20.38 -12.66
N PHE B 379 -9.14 -20.03 -13.83
CA PHE B 379 -10.59 -20.02 -14.06
C PHE B 379 -10.81 -21.13 -15.09
N THR B 380 -11.92 -21.84 -14.98
CA THR B 380 -12.27 -22.86 -15.98
C THR B 380 -13.77 -23.06 -15.96
N SER B 381 -14.34 -23.43 -17.10
CA SER B 381 -15.78 -23.65 -17.19
C SER B 381 -16.19 -24.90 -16.44
N ARG B 382 -17.27 -24.78 -15.69
CA ARG B 382 -17.81 -25.89 -14.90
C ARG B 382 -18.11 -27.07 -15.84
N THR B 383 -18.44 -26.73 -17.08
CA THR B 383 -18.75 -27.72 -18.11
C THR B 383 -17.90 -27.45 -19.35
N ALA C 13 -11.92 22.94 -32.94
CA ALA C 13 -12.01 22.27 -31.62
C ALA C 13 -12.62 20.88 -31.75
N LEU C 14 -13.45 20.70 -32.77
CA LEU C 14 -14.07 19.41 -33.01
C LEU C 14 -13.03 18.42 -33.53
N ARG C 15 -12.08 18.95 -34.30
CA ARG C 15 -11.01 18.14 -34.87
C ARG C 15 -10.13 17.57 -33.76
N ASN C 16 -10.01 18.33 -32.67
CA ASN C 16 -9.20 17.94 -31.53
C ASN C 16 -9.90 16.90 -30.66
N GLN C 17 -11.13 17.22 -30.26
CA GLN C 17 -11.90 16.32 -29.41
C GLN C 17 -12.02 14.96 -30.06
N GLN C 18 -12.13 14.95 -31.38
CA GLN C 18 -12.24 13.71 -32.13
C GLN C 18 -10.87 13.06 -32.25
N ALA C 19 -9.83 13.90 -32.27
CA ALA C 19 -8.45 13.41 -32.37
C ALA C 19 -8.07 12.69 -31.09
N MET C 20 -8.52 13.25 -29.96
CA MET C 20 -8.22 12.66 -28.66
C MET C 20 -9.00 11.38 -28.47
N ALA C 21 -10.24 11.36 -28.95
CA ALA C 21 -11.08 10.19 -28.82
C ALA C 21 -10.48 9.04 -29.64
N ALA C 22 -10.02 9.36 -30.84
CA ALA C 22 -9.42 8.35 -31.72
C ALA C 22 -8.14 7.81 -31.08
N ASN C 23 -7.36 8.70 -30.47
CA ASN C 23 -6.12 8.31 -29.81
C ASN C 23 -6.39 7.31 -28.69
N LEU C 24 -7.28 7.66 -27.78
N LEU C 24 -7.29 7.67 -27.79
CA LEU C 24 -7.61 6.78 -26.66
CA LEU C 24 -7.64 6.81 -26.67
C LEU C 24 -8.10 5.42 -27.16
C LEU C 24 -8.10 5.43 -27.15
N GLN C 25 -8.99 5.42 -28.15
CA GLN C 25 -9.50 4.16 -28.69
C GLN C 25 -8.36 3.32 -29.26
N ALA C 26 -7.46 3.96 -30.00
CA ALA C 26 -6.33 3.24 -30.58
C ALA C 26 -5.46 2.68 -29.45
N ARG C 27 -5.23 3.48 -28.42
CA ARG C 27 -4.42 3.04 -27.28
C ARG C 27 -5.07 1.81 -26.65
N GLN C 28 -6.37 1.91 -26.38
CA GLN C 28 -7.10 0.80 -25.78
C GLN C 28 -7.02 -0.47 -26.61
N ILE C 29 -7.11 -0.34 -27.92
CA ILE C 29 -7.04 -1.50 -28.81
C ILE C 29 -5.63 -2.11 -28.80
N VAL C 30 -4.62 -1.25 -28.86
CA VAL C 30 -3.24 -1.73 -28.83
C VAL C 30 -3.01 -2.52 -27.54
N LEU C 31 -3.44 -1.97 -26.41
CA LEU C 31 -3.24 -2.64 -25.13
C LEU C 31 -3.98 -3.98 -25.05
N GLN C 32 -5.19 -4.04 -25.61
CA GLN C 32 -5.97 -5.27 -25.58
C GLN C 32 -5.45 -6.35 -26.52
N GLN C 33 -5.05 -5.94 -27.73
CA GLN C 33 -4.58 -6.86 -28.76
C GLN C 33 -3.11 -7.31 -28.75
N SER C 34 -2.20 -6.41 -28.38
CA SER C 34 -0.78 -6.74 -28.35
C SER C 34 -0.43 -7.52 -27.09
N TYR C 35 0.77 -8.10 -27.05
CA TYR C 35 1.18 -8.82 -25.85
C TYR C 35 2.49 -8.21 -25.36
N PRO C 36 2.55 -7.84 -24.07
CA PRO C 36 3.76 -7.25 -23.52
C PRO C 36 4.92 -8.24 -23.43
N VAL C 37 6.13 -7.76 -23.70
CA VAL C 37 7.33 -8.57 -23.65
C VAL C 37 8.42 -7.77 -22.96
N ILE C 38 9.26 -8.44 -22.18
CA ILE C 38 10.39 -7.79 -21.57
C ILE C 38 11.53 -8.75 -21.86
N GLN C 39 12.57 -8.26 -22.53
CA GLN C 39 13.68 -9.16 -22.85
C GLN C 39 15.03 -8.45 -22.80
N GLN C 40 16.06 -9.23 -22.44
CA GLN C 40 17.40 -8.70 -22.33
C GLN C 40 17.89 -8.20 -23.69
N VAL C 41 18.52 -7.03 -23.66
CA VAL C 41 19.08 -6.39 -24.85
C VAL C 41 20.59 -6.53 -24.83
N GLU C 42 21.17 -6.32 -23.65
CA GLU C 42 22.62 -6.36 -23.56
C GLU C 42 23.11 -6.43 -22.12
N THR C 43 24.23 -7.11 -21.93
N THR C 43 24.25 -7.09 -21.93
CA THR C 43 24.85 -7.21 -20.60
CA THR C 43 24.85 -7.16 -20.60
C THR C 43 26.36 -6.96 -20.79
C THR C 43 26.36 -6.98 -20.77
N GLN C 44 26.97 -6.27 -19.84
CA GLN C 44 28.40 -6.03 -19.91
C GLN C 44 28.95 -5.88 -18.51
N THR C 45 30.16 -6.40 -18.30
CA THR C 45 30.85 -6.31 -17.02
C THR C 45 32.15 -5.60 -17.34
N PHE C 46 32.52 -4.61 -16.54
CA PHE C 46 33.71 -3.82 -16.82
C PHE C 46 34.24 -3.15 -15.54
N ASP C 47 35.40 -2.53 -15.67
CA ASP C 47 36.01 -1.77 -14.58
C ASP C 47 35.89 -0.32 -15.06
N PRO C 48 35.18 0.52 -14.29
CA PRO C 48 35.03 1.91 -14.70
C PRO C 48 36.33 2.69 -14.82
N ALA C 49 37.42 2.11 -14.32
CA ALA C 49 38.72 2.79 -14.42
C ALA C 49 39.14 2.68 -15.90
N ASN C 50 38.57 1.71 -16.59
CA ASN C 50 38.88 1.51 -18.00
C ASN C 50 37.89 2.25 -18.90
N ARG C 51 36.60 2.11 -18.59
CA ARG C 51 35.58 2.77 -19.40
C ARG C 51 34.31 2.94 -18.56
N SER C 52 33.65 4.10 -18.65
CA SER C 52 32.44 4.29 -17.86
C SER C 52 31.22 4.76 -18.66
N VAL C 53 31.39 4.98 -19.95
CA VAL C 53 30.26 5.42 -20.79
C VAL C 53 29.93 4.36 -21.82
N PHE C 54 28.66 3.98 -21.89
CA PHE C 54 28.23 2.95 -22.82
C PHE C 54 27.02 3.35 -23.62
N ASP C 55 27.05 3.06 -24.92
N ASP C 55 27.06 3.08 -24.92
CA ASP C 55 25.93 3.36 -25.79
CA ASP C 55 25.93 3.39 -25.79
C ASP C 55 25.28 2.03 -26.12
C ASP C 55 25.27 2.05 -26.14
N VAL C 56 24.14 1.78 -25.51
CA VAL C 56 23.40 0.55 -25.72
C VAL C 56 22.43 0.73 -26.89
N THR C 57 22.32 -0.28 -27.75
CA THR C 57 21.44 -0.21 -28.90
C THR C 57 20.21 -1.08 -28.73
N PRO C 58 19.07 -0.48 -28.37
CA PRO C 58 17.83 -1.24 -28.19
C PRO C 58 17.41 -1.92 -29.49
N ALA C 59 16.63 -2.98 -29.37
CA ALA C 59 16.14 -3.71 -30.53
C ALA C 59 14.98 -2.92 -31.13
N ASN C 60 14.86 -2.90 -32.45
CA ASN C 60 13.75 -2.17 -33.07
C ASN C 60 12.57 -3.11 -33.24
N VAL C 61 11.70 -3.14 -32.25
CA VAL C 61 10.53 -3.98 -32.33
C VAL C 61 9.29 -3.37 -31.69
N GLY C 62 8.20 -3.36 -32.44
CA GLY C 62 6.94 -2.82 -31.94
C GLY C 62 7.00 -1.48 -31.24
N ILE C 63 6.10 -1.31 -30.26
CA ILE C 63 6.04 -0.08 -29.49
C ILE C 63 6.89 -0.30 -28.23
N VAL C 64 7.89 0.54 -28.03
CA VAL C 64 8.78 0.43 -26.87
C VAL C 64 8.26 1.28 -25.71
N LYS C 65 8.13 0.68 -24.53
CA LYS C 65 7.61 1.37 -23.34
C LYS C 65 8.68 1.89 -22.39
N GLY C 66 9.80 1.19 -22.33
CA GLY C 66 10.87 1.62 -21.44
C GLY C 66 11.94 0.55 -21.26
N PHE C 67 12.91 0.85 -20.40
CA PHE C 67 14.01 -0.08 -20.15
C PHE C 67 14.26 -0.26 -18.67
N LEU C 68 14.42 -1.50 -18.25
CA LEU C 68 14.73 -1.78 -16.86
C LEU C 68 16.23 -2.07 -16.88
N VAL C 69 17.00 -1.30 -16.13
CA VAL C 69 18.45 -1.46 -16.10
C VAL C 69 18.90 -1.98 -14.74
N LYS C 70 19.48 -3.18 -14.75
CA LYS C 70 20.01 -3.81 -13.56
C LYS C 70 21.48 -3.42 -13.51
N VAL C 71 21.95 -2.94 -12.36
CA VAL C 71 23.35 -2.55 -12.22
C VAL C 71 23.92 -3.18 -10.95
N THR C 72 25.04 -3.89 -11.06
CA THR C 72 25.67 -4.44 -9.86
C THR C 72 27.10 -3.93 -9.80
N ALA C 73 27.68 -3.94 -8.61
CA ALA C 73 29.04 -3.45 -8.48
C ALA C 73 29.68 -4.02 -7.24
N ALA C 74 31.02 -4.08 -7.27
CA ALA C 74 31.80 -4.54 -6.12
C ALA C 74 32.75 -3.37 -5.86
N ILE C 75 32.81 -2.94 -4.60
CA ILE C 75 33.66 -1.82 -4.21
C ILE C 75 34.57 -2.26 -3.08
N THR C 76 35.84 -1.90 -3.16
CA THR C 76 36.78 -2.29 -2.11
C THR C 76 37.37 -1.08 -1.42
N ASN C 77 37.41 -1.10 -0.09
CA ASN C 77 37.98 0.00 0.66
C ASN C 77 39.35 -0.50 1.11
N ASN C 78 40.41 0.01 0.49
CA ASN C 78 41.75 -0.43 0.88
C ASN C 78 42.45 0.55 1.83
N HIS C 79 41.69 1.41 2.48
CA HIS C 79 42.31 2.34 3.40
C HIS C 79 42.90 1.51 4.52
N ALA C 80 43.98 1.99 5.11
CA ALA C 80 44.63 1.26 6.18
C ALA C 80 43.79 1.12 7.44
N THR C 81 42.98 2.13 7.75
CA THR C 81 42.21 2.07 8.98
C THR C 81 40.78 2.60 8.96
N GLU C 82 40.48 3.51 8.05
CA GLU C 82 39.17 4.16 8.05
C GLU C 82 38.09 3.57 7.13
N ALA C 83 36.85 3.63 7.59
CA ALA C 83 35.73 3.12 6.80
C ALA C 83 35.09 4.24 5.99
N VAL C 84 34.08 3.87 5.21
CA VAL C 84 33.29 4.83 4.47
C VAL C 84 31.85 4.38 4.71
N ALA C 85 30.92 5.31 4.59
CA ALA C 85 29.52 5.02 4.83
C ALA C 85 28.71 5.53 3.64
N LEU C 86 27.58 4.90 3.39
CA LEU C 86 26.72 5.32 2.29
C LEU C 86 26.30 6.77 2.43
N THR C 87 26.23 7.45 1.29
CA THR C 87 25.74 8.82 1.25
C THR C 87 24.21 8.66 1.27
N ASP C 88 23.48 9.76 1.29
CA ASP C 88 22.02 9.68 1.29
C ASP C 88 21.47 9.03 0.03
N PHE C 89 22.14 9.25 -1.11
CA PHE C 89 21.65 8.65 -2.37
C PHE C 89 22.23 7.24 -2.61
N GLY C 90 23.42 7.01 -2.07
CA GLY C 90 24.04 5.71 -2.17
C GLY C 90 24.08 5.06 -3.53
N PRO C 91 23.53 3.83 -3.65
CA PRO C 91 23.55 3.14 -4.93
C PRO C 91 22.81 3.82 -6.07
N ALA C 92 21.94 4.78 -5.76
CA ALA C 92 21.22 5.49 -6.83
C ALA C 92 22.26 6.28 -7.65
N ASN C 93 23.45 6.47 -7.10
CA ASN C 93 24.51 7.18 -7.82
C ASN C 93 25.44 6.27 -8.62
N LEU C 94 25.08 4.98 -8.76
CA LEU C 94 25.88 4.04 -9.55
C LEU C 94 25.82 4.49 -11.02
N VAL C 95 24.68 5.04 -11.44
CA VAL C 95 24.56 5.59 -12.79
C VAL C 95 24.53 7.11 -12.58
N GLN C 96 25.46 7.81 -13.21
CA GLN C 96 25.54 9.25 -13.10
C GLN C 96 24.56 9.94 -14.03
N ARG C 97 24.47 9.45 -15.26
CA ARG C 97 23.56 10.04 -16.24
C ARG C 97 23.02 9.03 -17.23
N VAL C 98 21.81 9.30 -17.70
N VAL C 98 21.82 9.30 -17.72
CA VAL C 98 21.15 8.45 -18.67
CA VAL C 98 21.20 8.43 -18.70
C VAL C 98 20.55 9.34 -19.76
C VAL C 98 20.55 9.32 -19.76
N ILE C 99 20.75 8.97 -21.02
CA ILE C 99 20.19 9.76 -22.13
C ILE C 99 19.63 8.81 -23.16
N TYR C 100 18.42 9.07 -23.64
CA TYR C 100 17.80 8.22 -24.66
C TYR C 100 17.46 9.03 -25.92
N TYR C 101 17.73 8.44 -27.09
CA TYR C 101 17.39 9.06 -28.37
C TYR C 101 16.57 8.02 -29.14
N ASP C 102 15.47 8.45 -29.77
CA ASP C 102 14.64 7.51 -30.52
C ASP C 102 15.17 7.31 -31.95
N PRO C 103 14.48 6.48 -32.77
CA PRO C 103 14.91 6.24 -34.15
C PRO C 103 15.08 7.49 -35.05
N ASP C 104 14.42 8.58 -34.70
CA ASP C 104 14.55 9.82 -35.47
C ASP C 104 15.59 10.72 -34.83
N ASN C 105 16.31 10.15 -33.87
CA ASN C 105 17.34 10.85 -33.10
C ASN C 105 16.81 12.01 -32.28
N GLN C 106 15.54 11.93 -31.91
CA GLN C 106 14.93 12.92 -31.05
C GLN C 106 15.25 12.47 -29.62
N ARG C 107 15.76 13.39 -28.83
CA ARG C 107 16.13 13.08 -27.46
C ARG C 107 14.92 13.09 -26.53
N HIS C 108 14.82 12.08 -25.67
CA HIS C 108 13.71 12.06 -24.72
C HIS C 108 14.37 12.38 -23.37
N THR C 109 14.32 11.45 -22.43
CA THR C 109 14.94 11.71 -21.14
C THR C 109 16.46 11.93 -21.19
N GLU C 110 16.94 12.85 -20.36
N GLU C 110 16.92 12.84 -20.34
CA GLU C 110 18.37 13.08 -20.15
CA GLU C 110 18.33 13.15 -20.16
C GLU C 110 18.43 13.63 -18.74
C GLU C 110 18.43 13.64 -18.73
N THR C 111 18.83 12.78 -17.80
CA THR C 111 18.89 13.20 -16.41
C THR C 111 19.87 12.36 -15.60
N SER C 112 19.97 12.67 -14.33
CA SER C 112 20.88 11.97 -13.44
C SER C 112 20.26 10.68 -12.91
N GLY C 113 21.11 9.75 -12.50
CA GLY C 113 20.61 8.51 -11.93
C GLY C 113 19.77 8.79 -10.69
N TRP C 114 20.22 9.73 -9.84
CA TRP C 114 19.42 9.98 -8.64
C TRP C 114 18.04 10.57 -8.95
N HIS C 115 17.94 11.44 -9.96
CA HIS C 115 16.63 12.01 -10.27
C HIS C 115 15.72 10.94 -10.84
N LEU C 116 16.26 10.12 -11.76
CA LEU C 116 15.47 9.06 -12.37
C LEU C 116 14.96 8.11 -11.28
N HIS C 117 15.83 7.77 -10.34
CA HIS C 117 15.44 6.90 -9.24
C HIS C 117 14.31 7.53 -8.40
N PHE C 118 14.42 8.82 -8.08
CA PHE C 118 13.36 9.44 -7.27
C PHE C 118 12.03 9.43 -8.01
N VAL C 119 12.05 9.60 -9.34
CA VAL C 119 10.79 9.55 -10.10
C VAL C 119 10.27 8.10 -10.09
N ASN C 120 11.16 7.12 -10.21
CA ASN C 120 10.72 5.71 -10.15
C ASN C 120 9.97 5.49 -8.82
N THR C 121 10.50 6.05 -7.73
CA THR C 121 9.86 5.92 -6.42
C THR C 121 8.51 6.65 -6.40
N ALA C 122 8.49 7.89 -6.89
CA ALA C 122 7.24 8.65 -6.91
C ALA C 122 6.16 7.90 -7.69
N LYS C 123 6.52 7.31 -8.83
CA LYS C 123 5.55 6.59 -9.66
C LYS C 123 5.11 5.27 -9.03
N GLN C 124 5.96 4.67 -8.20
CA GLN C 124 5.57 3.42 -7.54
C GLN C 124 4.66 3.71 -6.32
N GLY C 125 4.89 4.85 -5.69
CA GLY C 125 4.11 5.20 -4.50
C GLY C 125 4.82 4.69 -3.25
N ALA C 126 6.08 4.31 -3.39
CA ALA C 126 6.90 3.79 -2.29
C ALA C 126 8.34 3.66 -2.80
N PRO C 127 9.35 3.62 -1.90
CA PRO C 127 10.74 3.50 -2.36
C PRO C 127 10.82 2.39 -3.42
N PHE C 128 11.31 2.76 -4.60
CA PHE C 128 11.38 1.86 -5.75
C PHE C 128 11.96 0.49 -5.48
N LEU C 129 11.19 -0.55 -5.80
CA LEU C 129 11.58 -1.95 -5.65
C LEU C 129 12.09 -2.30 -4.25
N SER C 130 11.58 -1.59 -3.24
CA SER C 130 12.00 -1.86 -1.87
C SER C 130 11.20 -3.03 -1.28
N SER C 131 11.70 -3.53 -0.15
CA SER C 131 11.01 -4.60 0.58
C SER C 131 10.51 -3.96 1.89
N MET C 132 9.18 -3.94 2.06
N MET C 132 9.19 -3.93 2.06
CA MET C 132 8.54 -3.37 3.25
CA MET C 132 8.62 -3.36 3.27
C MET C 132 8.64 -4.31 4.46
C MET C 132 8.84 -4.31 4.43
N VAL C 133 8.97 -3.75 5.63
CA VAL C 133 9.13 -4.54 6.84
C VAL C 133 7.77 -4.77 7.51
N THR C 134 7.44 -6.01 7.86
CA THR C 134 6.18 -6.33 8.53
C THR C 134 6.44 -7.32 9.66
N ASP C 135 5.41 -7.61 10.44
CA ASP C 135 5.51 -8.56 11.57
C ASP C 135 5.27 -10.00 11.08
N SER C 136 5.16 -10.23 9.78
CA SER C 136 4.85 -11.60 9.35
C SER C 136 5.89 -12.65 9.76
N PRO C 137 5.44 -13.76 10.40
CA PRO C 137 6.38 -14.81 10.80
C PRO C 137 6.86 -15.63 9.60
N ILE C 138 6.07 -15.62 8.52
CA ILE C 138 6.45 -16.31 7.28
C ILE C 138 7.66 -15.50 6.77
N LYS C 139 8.68 -16.17 6.25
CA LYS C 139 9.90 -15.47 5.90
C LYS C 139 10.01 -14.66 4.61
N TYR C 140 9.06 -13.73 4.47
CA TYR C 140 9.07 -12.74 3.40
C TYR C 140 10.15 -11.80 3.90
N GLY C 141 10.57 -10.87 3.05
CA GLY C 141 11.56 -9.91 3.50
C GLY C 141 12.56 -9.62 2.41
N ASP C 142 13.72 -9.11 2.81
CA ASP C 142 14.77 -8.86 1.83
C ASP C 142 15.45 -10.19 1.60
N VAL C 143 14.88 -10.97 0.68
CA VAL C 143 15.39 -12.29 0.36
C VAL C 143 16.31 -12.26 -0.84
N MET C 144 15.92 -11.48 -1.84
CA MET C 144 16.63 -11.40 -3.10
C MET C 144 17.54 -10.20 -3.33
N ASN C 145 17.60 -9.28 -2.37
CA ASN C 145 18.44 -8.10 -2.47
C ASN C 145 18.39 -7.39 -3.81
N VAL C 146 17.18 -7.05 -4.23
CA VAL C 146 16.94 -6.42 -5.51
C VAL C 146 17.66 -5.07 -5.61
N ILE C 147 17.49 -4.20 -4.60
CA ILE C 147 18.24 -2.94 -4.56
C ILE C 147 18.89 -3.05 -3.17
N ASP C 148 20.23 -3.04 -3.14
N ASP C 148 20.22 -3.00 -3.15
CA ASP C 148 20.94 -3.27 -1.87
CA ASP C 148 20.93 -3.19 -1.90
C ASP C 148 22.38 -2.73 -1.91
C ASP C 148 22.35 -2.63 -1.93
N ALA C 149 22.86 -2.28 -0.75
CA ALA C 149 24.24 -1.75 -0.63
C ALA C 149 24.58 -1.76 0.85
N PRO C 150 25.76 -2.26 1.22
CA PRO C 150 26.12 -2.27 2.64
C PRO C 150 26.18 -0.84 3.21
N ALA C 151 25.66 -0.67 4.43
CA ALA C 151 25.63 0.65 5.06
C ALA C 151 27.03 1.24 5.19
N THR C 152 28.01 0.39 5.42
CA THR C 152 29.40 0.83 5.54
C THR C 152 30.30 -0.19 4.89
N ILE C 153 31.50 0.24 4.49
CA ILE C 153 32.50 -0.68 3.97
C ILE C 153 33.73 -0.33 4.79
N ALA C 154 34.12 -1.26 5.65
CA ALA C 154 35.26 -1.07 6.55
C ALA C 154 36.60 -1.15 5.84
N ALA C 155 37.64 -0.60 6.46
CA ALA C 155 38.96 -0.66 5.88
C ALA C 155 39.29 -2.13 5.60
N GLY C 156 39.75 -2.41 4.38
CA GLY C 156 40.08 -3.78 4.02
C GLY C 156 38.96 -4.66 3.48
N ALA C 157 37.74 -4.13 3.46
CA ALA C 157 36.60 -4.91 3.02
C ALA C 157 36.11 -4.58 1.61
N THR C 158 35.35 -5.52 1.06
CA THR C 158 34.74 -5.38 -0.25
C THR C 158 33.20 -5.51 -0.08
N GLY C 159 32.46 -4.55 -0.61
CA GLY C 159 31.01 -4.60 -0.52
C GLY C 159 30.39 -4.82 -1.89
N GLU C 160 29.22 -5.45 -1.92
CA GLU C 160 28.53 -5.74 -3.17
C GLU C 160 27.25 -4.89 -3.21
N LEU C 161 26.95 -4.33 -4.37
CA LEU C 161 25.78 -3.47 -4.52
C LEU C 161 24.93 -3.89 -5.70
N THR C 162 23.62 -3.65 -5.59
N THR C 162 23.63 -3.64 -5.57
CA THR C 162 22.69 -3.94 -6.67
CA THR C 162 22.66 -3.94 -6.61
C THR C 162 21.75 -2.74 -6.74
C THR C 162 21.73 -2.73 -6.74
N MET C 163 21.47 -2.31 -7.96
CA MET C 163 20.60 -1.16 -8.18
C MET C 163 19.80 -1.38 -9.45
N TYR C 164 18.57 -0.86 -9.46
CA TYR C 164 17.72 -0.94 -10.66
C TYR C 164 17.17 0.43 -10.97
N TYR C 165 17.06 0.72 -12.27
CA TYR C 165 16.48 1.97 -12.75
C TYR C 165 15.49 1.62 -13.85
N TRP C 166 14.34 2.29 -13.87
CA TRP C 166 13.41 2.09 -14.97
C TRP C 166 13.50 3.38 -15.80
N VAL C 167 13.92 3.26 -17.07
CA VAL C 167 14.01 4.42 -17.97
C VAL C 167 12.70 4.39 -18.76
N PRO C 168 11.79 5.32 -18.48
CA PRO C 168 10.50 5.34 -19.18
C PRO C 168 10.45 6.03 -20.53
N LEU C 169 9.63 5.51 -21.42
CA LEU C 169 9.35 6.16 -22.72
C LEU C 169 7.84 6.40 -22.52
N ALA C 170 7.09 5.31 -22.38
CA ALA C 170 5.64 5.41 -22.11
C ALA C 170 5.49 5.92 -20.68
N TYR C 171 4.44 6.68 -20.42
CA TYR C 171 4.19 7.21 -19.08
C TYR C 171 3.92 6.10 -18.06
N SER C 172 3.12 5.10 -18.45
CA SER C 172 2.82 3.99 -17.56
C SER C 172 2.48 2.74 -18.35
N GLU C 173 2.07 1.70 -17.64
CA GLU C 173 1.69 0.44 -18.25
C GLU C 173 0.38 0.59 -19.05
N THR C 174 -0.45 1.55 -18.66
CA THR C 174 -1.74 1.77 -19.32
C THR C 174 -1.85 3.07 -20.11
N ASP C 175 -0.93 3.99 -19.90
CA ASP C 175 -0.94 5.26 -20.62
C ASP C 175 0.30 5.26 -21.50
N LEU C 176 0.11 5.06 -22.81
CA LEU C 176 1.22 5.00 -23.75
C LEU C 176 1.79 6.34 -24.23
N THR C 177 1.38 7.42 -23.60
CA THR C 177 1.90 8.74 -23.96
C THR C 177 3.42 8.68 -23.75
N GLY C 178 4.18 9.04 -24.78
CA GLY C 178 5.63 9.02 -24.67
C GLY C 178 6.29 7.77 -25.21
N ALA C 179 5.50 6.74 -25.54
CA ALA C 179 6.04 5.50 -26.08
C ALA C 179 6.67 5.74 -27.44
N VAL C 180 7.52 4.81 -27.87
CA VAL C 180 8.21 4.93 -29.15
C VAL C 180 7.93 3.77 -30.11
N LEU C 181 7.56 4.11 -31.34
CA LEU C 181 7.30 3.07 -32.34
C LEU C 181 8.65 2.80 -33.02
N ALA C 182 9.19 1.62 -32.80
CA ALA C 182 10.48 1.26 -33.39
C ALA C 182 10.36 0.08 -34.35
N ASN C 183 9.93 0.37 -35.58
CA ASN C 183 9.77 -0.65 -36.59
C ASN C 183 10.48 -0.30 -37.89
N VAL C 184 11.45 0.62 -37.80
CA VAL C 184 12.23 1.05 -38.96
C VAL C 184 13.62 0.41 -38.88
N PRO C 185 13.78 -0.75 -39.53
CA PRO C 185 15.00 -1.57 -39.60
C PRO C 185 16.37 -0.88 -39.63
N GLN C 186 16.48 0.28 -40.28
CA GLN C 186 17.78 0.94 -40.36
C GLN C 186 17.99 2.18 -39.48
N SER C 187 16.99 2.53 -38.67
CA SER C 187 17.10 3.68 -37.79
C SER C 187 17.19 3.18 -36.34
N LYS C 188 18.38 3.25 -35.76
CA LYS C 188 18.60 2.76 -34.40
C LYS C 188 18.30 3.73 -33.27
N GLN C 189 17.91 3.17 -32.12
CA GLN C 189 17.65 3.96 -30.93
C GLN C 189 19.00 3.97 -30.22
N ARG C 190 19.14 4.83 -29.23
CA ARG C 190 20.39 4.92 -28.46
C ARG C 190 20.07 5.14 -27.01
N LEU C 191 20.58 4.27 -26.14
CA LEU C 191 20.38 4.43 -24.70
C LEU C 191 21.80 4.59 -24.16
N LYS C 192 22.18 5.81 -23.80
N LYS C 192 22.17 5.82 -23.81
CA LYS C 192 23.51 6.06 -23.28
CA LYS C 192 23.50 6.08 -23.28
C LYS C 192 23.52 6.06 -21.77
C LYS C 192 23.51 6.04 -21.76
N LEU C 193 24.40 5.23 -21.20
CA LEU C 193 24.54 5.11 -19.75
C LEU C 193 25.93 5.58 -19.36
N GLU C 194 25.99 6.56 -18.46
CA GLU C 194 27.26 7.07 -17.97
C GLU C 194 27.35 6.65 -16.50
N PHE C 195 28.25 5.71 -16.22
CA PHE C 195 28.40 5.17 -14.87
C PHE C 195 29.34 5.92 -13.93
N ALA C 196 29.19 5.65 -12.65
CA ALA C 196 30.07 6.23 -11.64
C ALA C 196 31.49 5.64 -11.87
N ASN C 197 32.51 6.33 -11.36
CA ASN C 197 33.87 5.82 -11.41
C ASN C 197 34.50 6.19 -10.06
N ASN C 198 35.78 5.88 -9.86
CA ASN C 198 36.40 6.17 -8.57
C ASN C 198 36.33 7.64 -8.17
N ASN C 199 36.32 8.53 -9.16
N ASN C 199 36.31 8.54 -9.14
CA ASN C 199 36.27 9.98 -8.91
CA ASN C 199 36.25 9.95 -8.78
C ASN C 199 34.92 10.47 -8.41
C ASN C 199 34.88 10.31 -8.24
N THR C 200 33.83 9.94 -8.96
CA THR C 200 32.48 10.34 -8.54
C THR C 200 31.90 9.57 -7.36
N ALA C 201 32.27 8.30 -7.22
CA ALA C 201 31.67 7.47 -6.18
C ALA C 201 32.10 7.66 -4.75
N PHE C 202 33.30 8.19 -4.54
CA PHE C 202 33.83 8.31 -3.19
C PHE C 202 34.13 9.74 -2.77
N ALA C 203 33.49 10.18 -1.68
CA ALA C 203 33.69 11.54 -1.19
C ALA C 203 34.45 11.56 0.13
N ALA C 204 35.45 12.43 0.22
CA ALA C 204 36.23 12.57 1.44
C ALA C 204 35.35 13.26 2.47
N VAL C 205 35.72 13.18 3.74
CA VAL C 205 34.96 13.86 4.78
C VAL C 205 34.94 15.34 4.44
N GLY C 206 33.80 16.00 4.60
CA GLY C 206 33.75 17.42 4.30
C GLY C 206 33.55 17.78 2.83
N ALA C 207 33.68 16.80 1.93
CA ALA C 207 33.46 17.08 0.51
C ALA C 207 31.94 16.92 0.24
N ASN C 208 31.46 17.46 -0.88
CA ASN C 208 30.02 17.38 -1.22
C ASN C 208 29.66 15.94 -1.60
N PRO C 209 28.73 15.30 -0.84
CA PRO C 209 28.32 13.91 -1.13
C PRO C 209 27.23 13.72 -2.20
N LEU C 210 26.74 14.80 -2.77
CA LEU C 210 25.67 14.73 -3.77
C LEU C 210 25.69 13.61 -4.82
N GLU C 211 26.82 13.50 -5.51
N GLU C 211 26.82 13.48 -5.51
CA GLU C 211 27.00 12.52 -6.59
CA GLU C 211 26.93 12.49 -6.56
C GLU C 211 27.68 11.22 -6.17
C GLU C 211 27.69 11.23 -6.18
N ALA C 212 28.10 11.16 -4.93
CA ALA C 212 28.83 10.00 -4.42
C ALA C 212 27.98 8.87 -3.87
N ILE C 213 28.59 7.69 -3.78
CA ILE C 213 27.93 6.49 -3.26
C ILE C 213 28.34 6.27 -1.80
N TYR C 214 29.63 6.48 -1.52
CA TYR C 214 30.17 6.33 -0.17
C TYR C 214 30.98 7.57 0.22
N GLN C 215 30.95 7.91 1.51
CA GLN C 215 31.70 9.06 2.02
C GLN C 215 32.31 8.67 3.37
N GLY C 216 33.57 9.07 3.59
CA GLY C 216 34.21 8.75 4.86
C GLY C 216 35.71 8.96 4.80
N ALA C 217 36.36 8.79 5.94
CA ALA C 217 37.79 9.00 6.06
C ALA C 217 38.62 8.02 5.23
N GLY C 218 37.98 6.96 4.73
CA GLY C 218 38.71 5.99 3.92
C GLY C 218 38.52 6.17 2.42
N ALA C 219 37.79 7.22 2.03
CA ALA C 219 37.46 7.47 0.62
C ALA C 219 38.60 7.46 -0.41
N ALA C 220 39.72 8.12 -0.10
CA ALA C 220 40.84 8.18 -1.05
C ALA C 220 41.33 6.82 -1.49
N ASP C 221 41.17 5.79 -0.66
CA ASP C 221 41.64 4.45 -1.00
C ASP C 221 40.57 3.47 -1.43
N CYS C 222 39.39 3.98 -1.77
CA CYS C 222 38.31 3.14 -2.25
C CYS C 222 38.40 3.05 -3.75
N GLU C 223 38.05 1.88 -4.28
CA GLU C 223 38.06 1.63 -5.72
C GLU C 223 36.96 0.64 -6.11
N PHE C 224 36.38 0.85 -7.28
CA PHE C 224 35.45 -0.12 -7.82
C PHE C 224 36.34 -1.29 -8.25
N GLU C 225 35.83 -2.51 -8.15
CA GLU C 225 36.54 -3.69 -8.63
C GLU C 225 35.89 -3.95 -9.99
N GLU C 226 34.58 -3.72 -10.05
CA GLU C 226 33.85 -3.91 -11.29
C GLU C 226 32.41 -3.41 -11.18
N ILE C 227 31.80 -3.20 -12.33
CA ILE C 227 30.41 -2.81 -12.41
C ILE C 227 29.87 -3.67 -13.55
N SER C 228 28.61 -4.09 -13.43
N SER C 228 28.61 -4.10 -13.42
CA SER C 228 27.98 -4.87 -14.47
CA SER C 228 27.98 -4.90 -14.46
C SER C 228 26.59 -4.31 -14.70
C SER C 228 26.58 -4.31 -14.69
N TYR C 229 26.10 -4.36 -15.93
CA TYR C 229 24.75 -3.87 -16.21
C TYR C 229 24.10 -4.84 -17.16
N THR C 230 22.78 -4.90 -17.06
CA THR C 230 21.98 -5.72 -17.95
C THR C 230 20.77 -4.85 -18.24
N VAL C 231 20.54 -4.61 -19.52
CA VAL C 231 19.41 -3.79 -19.93
C VAL C 231 18.31 -4.68 -20.49
N TYR C 232 17.11 -4.52 -19.96
CA TYR C 232 15.95 -5.27 -20.42
C TYR C 232 15.03 -4.25 -21.10
N GLN C 233 14.53 -4.60 -22.28
CA GLN C 233 13.66 -3.70 -23.03
C GLN C 233 12.23 -4.21 -22.91
N SER C 234 11.34 -3.30 -22.52
CA SER C 234 9.92 -3.63 -22.37
C SER C 234 9.19 -3.05 -23.58
N TYR C 235 8.44 -3.89 -24.27
CA TYR C 235 7.70 -3.42 -25.45
C TYR C 235 6.43 -4.22 -25.70
N LEU C 236 5.66 -3.78 -26.68
CA LEU C 236 4.42 -4.45 -27.06
C LEU C 236 4.59 -5.04 -28.44
N ASP C 237 4.33 -6.33 -28.56
CA ASP C 237 4.48 -7.05 -29.82
C ASP C 237 3.12 -7.44 -30.41
N GLN C 238 3.14 -7.93 -31.64
N GLN C 238 3.12 -7.94 -31.64
CA GLN C 238 1.92 -8.34 -32.35
CA GLN C 238 1.88 -8.34 -32.29
C GLN C 238 0.92 -7.18 -32.34
C GLN C 238 0.91 -7.18 -32.31
N LEU C 239 1.35 -6.05 -32.88
CA LEU C 239 0.52 -4.86 -32.94
C LEU C 239 -0.71 -5.10 -33.80
N PRO C 240 -1.89 -4.69 -33.31
CA PRO C 240 -3.15 -4.88 -34.04
C PRO C 240 -3.18 -4.13 -35.38
N VAL C 241 -3.69 -4.81 -36.41
CA VAL C 241 -3.80 -4.23 -37.73
C VAL C 241 -5.27 -4.08 -38.11
N GLY C 242 -5.60 -2.98 -38.77
CA GLY C 242 -6.98 -2.74 -39.16
C GLY C 242 -7.12 -2.30 -40.62
N GLN C 243 -8.19 -1.56 -40.90
CA GLN C 243 -8.44 -1.07 -42.25
C GLN C 243 -7.70 0.25 -42.46
N ASN C 244 -6.38 0.16 -42.51
CA ASN C 244 -5.49 1.31 -42.71
C ASN C 244 -4.12 0.95 -42.16
N GLY C 245 -3.91 -0.34 -41.89
CA GLY C 245 -2.65 -0.80 -41.33
C GLY C 245 -2.71 -0.80 -39.82
N TYR C 246 -1.57 -0.59 -39.18
CA TYR C 246 -1.49 -0.58 -37.72
C TYR C 246 -2.42 0.43 -37.07
N ILE C 247 -3.16 -0.04 -36.06
CA ILE C 247 -4.04 0.83 -35.29
C ILE C 247 -3.09 1.40 -34.23
N LEU C 248 -2.82 2.70 -34.31
CA LEU C 248 -1.89 3.34 -33.40
C LEU C 248 -2.36 4.65 -32.77
N PRO C 249 -2.06 4.86 -31.48
CA PRO C 249 -2.47 6.10 -30.81
C PRO C 249 -1.49 7.18 -31.27
N LEU C 250 -1.87 7.91 -32.31
CA LEU C 250 -1.02 8.94 -32.90
C LEU C 250 -0.56 10.05 -31.97
N ILE C 251 -1.41 10.47 -31.04
CA ILE C 251 -1.00 11.52 -30.11
C ILE C 251 0.02 10.93 -29.12
N ASP C 252 -0.28 9.74 -28.60
CA ASP C 252 0.62 9.08 -27.66
C ASP C 252 2.03 8.98 -28.24
N LEU C 253 2.13 8.46 -29.46
CA LEU C 253 3.41 8.25 -30.13
C LEU C 253 4.15 9.47 -30.67
N SER C 254 3.50 10.64 -30.64
CA SER C 254 4.16 11.85 -31.11
C SER C 254 4.34 12.82 -29.95
N THR C 255 4.18 12.31 -28.73
CA THR C 255 4.36 13.11 -27.54
C THR C 255 5.60 12.55 -26.84
N LEU C 256 6.41 13.43 -26.27
CA LEU C 256 7.60 12.99 -25.56
C LEU C 256 7.31 13.06 -24.05
N TYR C 257 7.68 12.00 -23.33
CA TYR C 257 7.53 11.99 -21.88
C TYR C 257 8.99 11.93 -21.45
N ASN C 258 9.50 13.03 -20.89
CA ASN C 258 10.89 13.14 -20.50
C ASN C 258 11.18 13.57 -19.07
N LEU C 259 12.38 13.23 -18.61
CA LEU C 259 12.89 13.69 -17.31
C LEU C 259 14.15 14.46 -17.66
N GLU C 260 14.36 15.57 -16.96
CA GLU C 260 15.54 16.41 -17.14
C GLU C 260 15.84 17.10 -15.82
N ASN C 261 17.09 17.50 -15.62
CA ASN C 261 17.43 18.18 -14.40
C ASN C 261 18.37 19.34 -14.71
N SER C 262 18.45 20.31 -13.80
CA SER C 262 19.32 21.45 -13.98
C SER C 262 19.66 21.99 -12.61
N ALA C 263 20.62 22.91 -12.57
CA ALA C 263 21.04 23.49 -11.30
C ALA C 263 20.80 25.00 -11.32
N GLN C 264 20.30 25.52 -10.22
CA GLN C 264 20.02 26.95 -10.09
C GLN C 264 20.73 27.48 -8.85
N ALA C 265 21.36 28.65 -8.98
CA ALA C 265 22.06 29.26 -7.86
C ALA C 265 21.61 30.70 -7.70
N GLY C 266 21.96 31.31 -6.56
CA GLY C 266 21.57 32.68 -6.30
C GLY C 266 20.66 32.85 -5.10
N LEU C 267 20.76 31.94 -4.13
CA LEU C 267 19.92 31.99 -2.94
C LEU C 267 20.48 32.90 -1.85
N THR C 268 19.59 33.61 -1.17
CA THR C 268 19.97 34.49 -0.08
C THR C 268 18.91 34.34 1.00
N PRO C 269 19.33 34.34 2.27
CA PRO C 269 18.44 34.20 3.42
C PRO C 269 17.17 35.06 3.44
N ASN C 270 16.05 34.40 3.71
CA ASN C 270 14.75 35.05 3.82
C ASN C 270 14.21 35.68 2.55
N VAL C 271 14.85 35.41 1.43
CA VAL C 271 14.37 35.96 0.17
C VAL C 271 13.85 34.83 -0.71
N ASP C 272 12.72 35.06 -1.37
CA ASP C 272 12.14 34.07 -2.25
C ASP C 272 13.02 33.77 -3.43
N PHE C 273 13.42 32.52 -3.57
CA PHE C 273 14.23 32.09 -4.70
C PHE C 273 13.21 31.43 -5.61
N VAL C 274 13.00 32.01 -6.79
CA VAL C 274 12.02 31.50 -7.73
C VAL C 274 12.62 30.88 -8.98
N VAL C 275 12.25 29.63 -9.26
CA VAL C 275 12.73 28.93 -10.45
C VAL C 275 11.54 28.86 -11.39
N GLN C 276 11.56 29.68 -12.43
N GLN C 276 11.58 29.67 -12.45
CA GLN C 276 10.46 29.71 -13.38
CA GLN C 276 10.50 29.69 -13.42
C GLN C 276 10.38 28.44 -14.22
C GLN C 276 10.39 28.42 -14.22
N TYR C 277 9.16 27.98 -14.47
CA TYR C 277 8.97 26.81 -15.29
C TYR C 277 9.15 27.52 -16.64
N ALA C 278 10.41 27.56 -17.09
CA ALA C 278 10.81 28.26 -18.32
C ALA C 278 10.29 27.77 -19.65
N ASN C 279 9.88 26.51 -19.74
CA ASN C 279 9.37 26.00 -21.01
C ASN C 279 7.85 25.88 -21.04
N LEU C 280 7.31 25.61 -22.23
CA LEU C 280 5.87 25.43 -22.42
C LEU C 280 5.51 23.94 -22.34
N TYR C 281 6.23 23.23 -21.47
CA TYR C 281 6.02 21.81 -21.26
C TYR C 281 4.85 21.64 -20.28
N ARG C 282 4.36 20.42 -20.17
CA ARG C 282 3.30 20.12 -19.20
C ARG C 282 4.06 19.36 -18.12
N TYR C 283 4.43 20.08 -17.06
CA TYR C 283 5.20 19.52 -15.96
C TYR C 283 4.37 18.69 -14.98
N LEU C 284 4.62 17.39 -14.98
CA LEU C 284 3.92 16.42 -14.15
C LEU C 284 4.43 16.38 -12.71
N SER C 285 5.74 16.57 -12.52
CA SER C 285 6.30 16.59 -11.17
C SER C 285 7.56 17.42 -11.17
N THR C 286 7.91 17.90 -9.99
CA THR C 286 9.10 18.71 -9.77
C THR C 286 9.79 18.22 -8.52
N ILE C 287 11.10 18.06 -8.62
CA ILE C 287 11.91 17.66 -7.48
C ILE C 287 12.92 18.78 -7.32
N ALA C 288 13.10 19.24 -6.09
CA ALA C 288 14.06 20.29 -5.78
C ALA C 288 14.97 19.78 -4.68
N VAL C 289 16.27 19.74 -4.96
CA VAL C 289 17.24 19.29 -3.98
C VAL C 289 18.03 20.51 -3.51
N PHE C 290 17.95 20.80 -2.21
CA PHE C 290 18.69 21.93 -1.68
C PHE C 290 20.09 21.50 -1.25
N ASP C 291 21.03 21.59 -2.19
CA ASP C 291 22.41 21.27 -1.92
C ASP C 291 22.95 22.55 -1.32
N ASN C 292 22.87 22.64 0.01
CA ASN C 292 23.31 23.83 0.73
C ASN C 292 24.83 23.80 0.94
N GLY C 293 25.57 23.99 -0.15
CA GLY C 293 27.03 23.97 -0.05
C GLY C 293 27.59 22.65 0.43
N GLY C 294 26.98 21.55 0.01
CA GLY C 294 27.46 20.24 0.42
C GLY C 294 26.74 19.71 1.64
N SER C 295 25.92 20.55 2.26
CA SER C 295 25.15 20.13 3.42
C SER C 295 23.73 19.85 2.96
N PHE C 296 23.16 18.75 3.45
CA PHE C 296 21.80 18.37 3.11
C PHE C 296 21.04 18.28 4.43
N ASN C 297 20.11 19.20 4.62
CA ASN C 297 19.36 19.30 5.86
C ASN C 297 17.91 18.90 5.76
N ALA C 298 17.37 18.41 6.88
CA ALA C 298 15.97 18.00 6.94
C ALA C 298 15.04 19.20 7.18
N GLY C 299 14.92 20.06 6.17
CA GLY C 299 14.04 21.21 6.23
C GLY C 299 14.41 22.39 7.11
N THR C 300 15.33 22.18 8.04
CA THR C 300 15.74 23.22 8.98
C THR C 300 16.40 24.47 8.37
N ASP C 301 16.81 24.39 7.11
CA ASP C 301 17.43 25.55 6.45
C ASP C 301 16.46 26.25 5.51
N ILE C 302 15.18 25.90 5.63
CA ILE C 302 14.13 26.47 4.77
C ILE C 302 12.95 27.05 5.55
N ASN C 303 12.47 28.22 5.14
CA ASN C 303 11.30 28.83 5.78
C ASN C 303 10.04 28.19 5.18
N TYR C 304 9.96 28.18 3.85
CA TYR C 304 8.83 27.56 3.17
C TYR C 304 9.15 27.29 1.72
N LEU C 305 8.30 26.48 1.09
CA LEU C 305 8.41 26.15 -0.33
C LEU C 305 7.04 26.43 -0.91
N SER C 306 6.97 26.66 -2.21
CA SER C 306 5.68 26.93 -2.81
C SER C 306 5.72 26.84 -4.32
N GLN C 307 4.55 26.89 -4.92
CA GLN C 307 4.41 26.96 -6.38
C GLN C 307 3.58 28.23 -6.49
N ARG C 308 4.00 29.14 -7.37
CA ARG C 308 3.35 30.43 -7.50
C ARG C 308 3.11 30.84 -8.95
N THR C 309 2.01 31.53 -9.20
CA THR C 309 1.70 31.99 -10.54
C THR C 309 1.98 33.48 -10.65
N ALA C 310 2.14 33.97 -11.88
CA ALA C 310 2.42 35.38 -12.13
C ALA C 310 1.50 36.27 -11.30
N ASN C 311 0.28 35.80 -11.07
CA ASN C 311 -0.71 36.54 -10.27
C ASN C 311 -0.19 36.77 -8.85
N PHE C 312 1.02 36.32 -8.57
CA PHE C 312 1.65 36.47 -7.26
C PHE C 312 0.98 35.67 -6.15
N SER C 313 -0.01 34.85 -6.52
CA SER C 313 -0.72 34.03 -5.54
C SER C 313 -0.12 32.62 -5.47
N ASP C 314 0.01 32.10 -4.24
CA ASP C 314 0.55 30.76 -3.99
C ASP C 314 -0.56 29.71 -3.92
N THR C 315 -0.38 28.60 -4.60
CA THR C 315 -1.36 27.51 -4.58
C THR C 315 -1.06 26.52 -3.45
N ARG C 316 0.16 26.60 -2.93
CA ARG C 316 0.56 25.71 -1.85
C ARG C 316 1.83 26.16 -1.12
N LYS C 317 1.77 27.33 -0.50
CA LYS C 317 2.90 27.86 0.26
C LYS C 317 2.90 27.16 1.62
N LEU C 318 3.87 26.25 1.81
CA LEU C 318 3.94 25.44 3.02
C LEU C 318 5.27 25.40 3.76
N ASP C 319 5.19 25.28 5.08
CA ASP C 319 6.39 25.14 5.89
C ASP C 319 6.95 23.77 5.47
N PRO C 320 8.25 23.53 5.70
CA PRO C 320 8.83 22.24 5.30
C PRO C 320 8.17 20.95 5.79
N LYS C 321 7.75 20.90 7.05
CA LYS C 321 7.13 19.68 7.52
C LYS C 321 5.78 19.42 6.87
N THR C 322 5.04 20.49 6.58
CA THR C 322 3.74 20.31 5.96
C THR C 322 3.93 19.93 4.51
N TRP C 323 4.96 20.47 3.88
CA TRP C 323 5.28 20.11 2.50
C TRP C 323 5.60 18.60 2.52
N ALA C 324 6.44 18.19 3.49
CA ALA C 324 6.82 16.78 3.64
C ALA C 324 5.58 15.88 3.87
N ALA C 325 4.60 16.41 4.61
CA ALA C 325 3.39 15.63 4.86
C ALA C 325 2.72 15.28 3.56
N GLN C 326 2.64 16.23 2.62
CA GLN C 326 2.01 15.93 1.32
C GLN C 326 2.77 14.83 0.59
N THR C 327 4.09 14.85 0.70
CA THR C 327 4.90 13.84 0.05
C THR C 327 4.69 12.48 0.73
N ARG C 328 4.51 12.47 2.05
CA ARG C 328 4.31 11.19 2.73
C ARG C 328 3.03 10.51 2.24
N ARG C 329 2.07 11.31 1.75
CA ARG C 329 0.82 10.77 1.23
C ARG C 329 1.07 10.16 -0.15
N ARG C 330 2.15 10.58 -0.79
CA ARG C 330 2.47 10.10 -2.14
C ARG C 330 3.40 8.89 -2.17
N ILE C 331 4.44 8.86 -1.32
CA ILE C 331 5.37 7.73 -1.33
C ILE C 331 5.51 6.97 0.01
N ALA C 332 4.60 7.25 0.93
CA ALA C 332 4.53 6.57 2.21
C ALA C 332 5.73 6.73 3.13
N THR C 333 6.55 7.74 2.84
CA THR C 333 7.76 8.01 3.63
C THR C 333 8.32 9.35 3.14
N ASP C 334 9.48 9.77 3.65
CA ASP C 334 10.09 11.02 3.19
C ASP C 334 11.23 10.72 2.22
N PHE C 335 11.48 11.63 1.28
CA PHE C 335 12.64 11.50 0.38
C PHE C 335 13.84 11.87 1.30
N PRO C 336 15.08 11.55 0.86
CA PRO C 336 16.27 11.88 1.70
C PRO C 336 16.39 13.35 2.04
N LYS C 337 17.24 13.65 3.02
CA LYS C 337 17.45 15.02 3.48
C LYS C 337 17.69 16.00 2.34
N GLY C 338 16.95 17.11 2.37
CA GLY C 338 17.14 18.13 1.36
C GLY C 338 16.47 17.89 0.02
N VAL C 339 15.76 16.78 -0.11
CA VAL C 339 15.06 16.45 -1.35
C VAL C 339 13.56 16.72 -1.17
N TYR C 340 13.02 17.61 -2.00
CA TYR C 340 11.61 17.98 -1.91
C TYR C 340 10.90 17.63 -3.21
N TYR C 341 9.71 17.08 -3.07
CA TYR C 341 8.92 16.63 -4.19
C TYR C 341 7.59 17.36 -4.29
N CYS C 342 7.12 17.52 -5.52
CA CYS C 342 5.84 18.17 -5.77
C CYS C 342 5.13 17.43 -6.91
N ASP C 343 3.95 16.89 -6.61
CA ASP C 343 3.12 16.16 -7.58
C ASP C 343 2.13 17.09 -8.29
N ASN C 344 2.18 17.13 -9.61
CA ASN C 344 1.25 17.96 -10.40
C ASN C 344 0.71 17.09 -11.53
N ARG C 345 0.61 15.78 -11.28
CA ARG C 345 0.15 14.84 -12.29
C ARG C 345 -1.25 15.05 -12.87
N ASP C 346 -2.23 15.28 -12.00
CA ASP C 346 -3.59 15.46 -12.48
C ASP C 346 -3.82 16.81 -13.15
N LYS C 347 -3.08 17.83 -12.72
CA LYS C 347 -3.18 19.17 -13.31
C LYS C 347 -1.75 19.68 -13.51
N PRO C 348 -1.09 19.20 -14.58
CA PRO C 348 0.29 19.57 -14.92
C PRO C 348 0.49 21.07 -14.99
N ILE C 349 1.67 21.55 -14.59
CA ILE C 349 1.97 22.97 -14.66
C ILE C 349 2.15 23.24 -16.16
N TYR C 350 1.39 24.20 -16.69
CA TYR C 350 1.45 24.55 -18.11
C TYR C 350 1.26 26.06 -18.18
N THR C 351 2.36 26.79 -18.40
CA THR C 351 2.36 28.25 -18.44
C THR C 351 1.43 28.91 -19.44
N LEU C 352 0.83 28.13 -20.32
CA LEU C 352 -0.09 28.71 -21.30
C LEU C 352 -1.55 28.66 -20.83
N GLN C 353 -1.79 28.09 -19.65
CA GLN C 353 -3.13 27.99 -19.09
C GLN C 353 -3.30 29.13 -18.08
N TYR C 354 -2.18 29.49 -17.44
CA TYR C 354 -2.15 30.57 -16.46
C TYR C 354 -0.81 31.29 -16.68
N GLY C 355 -0.61 32.41 -15.99
CA GLY C 355 0.63 33.15 -16.17
C GLY C 355 1.83 32.25 -15.98
N ASN C 356 3.04 32.79 -16.12
CA ASN C 356 4.20 31.94 -15.91
C ASN C 356 4.09 31.47 -14.47
N VAL C 357 4.59 30.27 -14.21
CA VAL C 357 4.53 29.72 -12.87
C VAL C 357 5.97 29.51 -12.42
N GLY C 358 6.16 29.54 -11.10
CA GLY C 358 7.49 29.32 -10.58
C GLY C 358 7.48 28.40 -9.37
N PHE C 359 8.60 27.72 -9.14
CA PHE C 359 8.74 26.86 -7.98
C PHE C 359 9.53 27.75 -7.03
N VAL C 360 9.06 27.86 -5.80
CA VAL C 360 9.69 28.75 -4.85
C VAL C 360 10.29 28.14 -3.57
N VAL C 361 11.46 28.61 -3.20
CA VAL C 361 12.10 28.19 -1.97
C VAL C 361 12.60 29.46 -1.26
N ASN C 362 12.16 29.66 -0.02
CA ASN C 362 12.64 30.80 0.74
C ASN C 362 13.50 30.17 1.82
N PRO C 363 14.83 30.24 1.65
CA PRO C 363 15.80 29.68 2.59
C PRO C 363 16.01 30.45 3.88
N LYS C 364 16.19 29.71 4.96
CA LYS C 364 16.42 30.30 6.27
C LYS C 364 17.92 30.47 6.46
N THR C 365 18.68 29.56 5.86
CA THR C 365 20.14 29.58 5.96
C THR C 365 20.71 29.25 4.59
N VAL C 366 21.76 29.98 4.20
CA VAL C 366 22.39 29.77 2.90
C VAL C 366 23.91 29.73 3.05
N ASN C 367 24.48 28.55 2.84
CA ASN C 367 25.93 28.37 2.93
C ASN C 367 26.57 28.74 1.60
N GLN C 368 27.90 28.80 1.60
N GLN C 368 27.90 28.77 1.60
CA GLN C 368 28.63 29.14 0.38
CA GLN C 368 28.67 29.10 0.40
C GLN C 368 28.45 28.01 -0.64
C GLN C 368 28.44 28.00 -0.65
N ASN C 369 28.28 28.39 -1.90
CA ASN C 369 28.07 27.42 -2.99
C ASN C 369 26.74 26.69 -2.88
N ALA C 370 25.73 27.37 -2.35
CA ALA C 370 24.41 26.78 -2.22
C ALA C 370 23.73 26.80 -3.59
N ARG C 371 22.89 25.80 -3.85
CA ARG C 371 22.18 25.74 -5.12
C ARG C 371 20.99 24.79 -5.03
N LEU C 372 20.06 24.95 -5.95
CA LEU C 372 18.90 24.07 -6.02
C LEU C 372 19.05 23.23 -7.27
N LEU C 373 19.03 21.91 -7.10
CA LEU C 373 19.11 21.00 -8.23
C LEU C 373 17.66 20.68 -8.52
N MET C 374 17.20 21.06 -9.71
CA MET C 374 15.81 20.86 -10.12
C MET C 374 15.65 19.67 -11.04
N GLY C 375 14.65 18.83 -10.74
CA GLY C 375 14.38 17.68 -11.58
C GLY C 375 12.94 17.76 -12.06
N TYR C 376 12.73 17.63 -13.38
CA TYR C 376 11.39 17.72 -13.91
C TYR C 376 10.97 16.49 -14.68
N GLU C 377 9.67 16.24 -14.63
CA GLU C 377 9.03 15.14 -15.31
C GLU C 377 8.00 15.90 -16.17
N TYR C 378 8.00 15.72 -17.49
CA TYR C 378 7.06 16.48 -18.30
C TYR C 378 6.69 15.85 -19.64
N PHE C 379 5.61 16.36 -20.24
CA PHE C 379 5.14 15.93 -21.55
C PHE C 379 5.36 17.13 -22.47
N THR C 380 5.70 16.87 -23.73
CA THR C 380 5.84 17.92 -24.72
C THR C 380 5.65 17.23 -26.07
N SER C 381 5.14 17.95 -27.06
CA SER C 381 4.94 17.32 -28.36
C SER C 381 6.21 17.41 -29.21
N ARG C 382 6.42 16.42 -30.08
CA ARG C 382 7.59 16.41 -30.94
C ARG C 382 7.61 17.70 -31.75
N THR C 383 6.43 18.15 -32.16
CA THR C 383 6.27 19.38 -32.92
C THR C 383 5.24 20.29 -32.27
#